data_4ZJM
#
_entry.id   4ZJM
#
_cell.length_a   100.370
_cell.length_b   100.370
_cell.length_c   239.150
_cell.angle_alpha   90.00
_cell.angle_beta   90.00
_cell.angle_gamma   90.00
#
_symmetry.space_group_name_H-M   'P 43 21 2'
#
loop_
_entity.id
_entity.type
_entity.pdbx_description
1 polymer 'Lipoprotein LpqH'
2 polymer 'Lipoprotein LpqH'
3 polymer 'Lipoprotein LpqH'
4 polymer 'Lipoprotein LpqH'
5 polymer 'Lipoprotein LpqH'
6 polymer 'Lipoprotein LpqH'
7 polymer 'Lipoprotein LpqH'
8 non-polymer 'SULFATE ION'
9 non-polymer GLYCEROL
10 non-polymer 'CHLORIDE ION'
11 water water
#
loop_
_entity_poly.entity_id
_entity_poly.type
_entity_poly.pdbx_seq_one_letter_code
_entity_poly.pdbx_strand_id
1 'polypeptide(L)'
;SGP(MLY)VVIDGKDQNVTGSVVCTTAAGNVNIAIGGAATGIAAVLTDGNPPEV(MLY)SVGLGNVNGVTLGYTSGTGQG
NASAT(MLY)DGSHYKITGTATGVDMANPMSPVN(MLY)SFEIEVTCSTHHHHHH
;
A
2 'polypeptide(L)'
;SGPKVVIDG(MLY)DQNVTGSVVCTTAAGNVNIAIGGAATGIAAVLTDGNPPEVKSVGLGNVNGVTLGYTSGTGQGNASA
TKDGSHYKITGTATGVDMANPMSPVN(MLY)SFEIEVTCSTHHHHHH
;
B
3 'polypeptide(L)'
;SGPKVVIDGKDQNVTGSVVCTTAAGNVNIAIGGAATGIAAVLTDGNPPEV(MLY)SVGLGNVNGVTLGYTSGTGQGNASA
TKDGSHYKITGTATGVDMANPMSPVNKSFEIEVTCSTHHHHHH
;
C
4 'polypeptide(L)'
;SGPKVVIDGKDQNVTGSVVCTTAAGNVNIAIGGAATGIAAVLTDGNPPEVKSVGLGNVNGVTLGYTSGTGQGNASATKDG
SHYKITGTATGVDMANPMSPVN(MLY)SFEIEVTCSTHHHHHH
;
D
5 'polypeptide(L)'
;SGP(MLY)VVIDG(MLY)DQNVTGSVVCTTAAGNVNIAIGGAATGIAAVLTDGNPPEVKSVGLGNVNGVTLGYTSGTGQG
NASATKDGSHYKITGTATGVDMANPMSPVNKSFEIEVTCSTHHHHHH
;
E
6 'polypeptide(L)'
;SGPKVVIDGKDQNVTGSVVCTTAAGNVNIAIGGAATGIAAVLTDGNPPEV(MLY)SVGLGNVNGVTLGYTSGTGQGNASA
TKDGSHY(MLY)ITGTATGVDMANPMSPVNKSFEIEVTCSTHHHHHH
;
F
7 'polypeptide(L)'
;SGPKVVIDG(MLY)DQNVTGSVVCTTAAGNVNIAIGGAATGIAAVLTDGNPPEV(MLY)SVGLGNVNGVTLGYTSGTGQG
NASATKDGSHYKITGTATGVDMANPMSPVN(MLY)SFEIEVTCSTHHHHHH
;
G
#
loop_
_chem_comp.id
_chem_comp.type
_chem_comp.name
_chem_comp.formula
CL non-polymer 'CHLORIDE ION' 'Cl -1'
GOL non-polymer GLYCEROL 'C3 H8 O3'
SO4 non-polymer 'SULFATE ION' 'O4 S -2'
#
# COMPACT_ATOMS: atom_id res chain seq x y z
N PRO A 3 -15.19 -11.99 2.36
CA PRO A 3 -14.73 -10.79 3.07
C PRO A 3 -15.87 -10.04 3.73
N MLY A 4 -15.74 -9.68 5.00
CA MLY A 4 -16.80 -8.97 5.73
CB MLY A 4 -17.48 -9.89 6.75
CG MLY A 4 -18.40 -9.20 7.76
CD MLY A 4 -19.16 -10.24 8.57
CE MLY A 4 -19.96 -9.65 9.73
NZ MLY A 4 -20.64 -10.70 10.57
CH1 MLY A 4 -20.97 -11.85 9.70
CH2 MLY A 4 -19.71 -11.17 11.60
C MLY A 4 -16.28 -7.72 6.41
O MLY A 4 -15.44 -7.77 7.31
N VAL A 5 -16.80 -6.57 5.96
CA VAL A 5 -16.49 -5.28 6.57
C VAL A 5 -17.73 -4.61 7.16
N VAL A 6 -17.68 -4.32 8.45
CA VAL A 6 -18.80 -3.65 9.11
C VAL A 6 -18.37 -2.31 9.70
N ILE A 7 -19.05 -1.24 9.35
CA ILE A 7 -18.72 0.05 9.97
C ILE A 7 -19.93 0.63 10.68
N ASP A 8 -19.78 0.85 11.98
CA ASP A 8 -20.88 1.37 12.82
C ASP A 8 -22.10 0.46 12.74
N GLY A 9 -21.85 -0.84 12.79
CA GLY A 9 -22.91 -1.83 12.78
C GLY A 9 -23.54 -2.01 11.43
N LYS A 10 -23.03 -1.31 10.42
CA LYS A 10 -23.57 -1.42 9.08
C LYS A 10 -22.65 -2.21 8.16
N ASP A 11 -23.15 -3.31 7.60
CA ASP A 11 -22.38 -4.13 6.68
C ASP A 11 -22.16 -3.38 5.39
N GLN A 12 -20.91 -3.29 4.96
CA GLN A 12 -20.63 -2.56 3.73
C GLN A 12 -20.95 -3.36 2.49
N ASN A 13 -21.17 -4.65 2.65
CA ASN A 13 -21.37 -5.54 1.50
C ASN A 13 -20.31 -5.34 0.45
N VAL A 14 -19.06 -5.48 0.87
CA VAL A 14 -17.90 -5.36 -0.01
C VAL A 14 -17.79 -6.48 -1.05
N THR A 15 -17.49 -6.11 -2.30
CA THR A 15 -17.28 -7.10 -3.33
C THR A 15 -15.80 -7.21 -3.74
N GLY A 16 -15.02 -6.19 -3.39
CA GLY A 16 -13.60 -6.17 -3.77
C GLY A 16 -12.82 -7.36 -3.26
N SER A 17 -11.75 -7.70 -3.94
CA SER A 17 -10.96 -8.86 -3.52
C SER A 17 -10.00 -8.51 -2.40
N VAL A 18 -9.59 -9.55 -1.65
CA VAL A 18 -8.68 -9.37 -0.52
C VAL A 18 -7.30 -9.82 -0.96
N VAL A 19 -6.32 -8.92 -0.85
CA VAL A 19 -4.94 -9.22 -1.20
C VAL A 19 -4.03 -8.86 -0.03
N CYS A 20 -3.17 -9.80 0.37
CA CYS A 20 -2.28 -9.60 1.52
C CYS A 20 -0.83 -9.75 1.13
N THR A 21 0.01 -8.92 1.71
CA THR A 21 1.44 -9.05 1.48
C THR A 21 2.17 -8.78 2.78
N THR A 22 3.43 -9.17 2.79
CA THR A 22 4.31 -9.02 3.93
C THR A 22 5.52 -8.18 3.64
N ALA A 23 5.89 -7.30 4.56
CA ALA A 23 7.16 -6.61 4.43
C ALA A 23 7.65 -6.06 5.76
N ALA A 24 8.97 -6.13 5.98
CA ALA A 24 9.61 -5.52 7.14
C ALA A 24 8.96 -5.91 8.47
N GLY A 25 8.50 -7.14 8.55
CA GLY A 25 7.83 -7.68 9.73
C GLY A 25 6.41 -7.22 9.95
N ASN A 26 5.77 -6.77 8.88
CA ASN A 26 4.36 -6.40 8.98
C ASN A 26 3.53 -7.12 7.94
N VAL A 27 2.24 -7.23 8.23
CA VAL A 27 1.28 -7.72 7.28
C VAL A 27 0.43 -6.57 6.74
N ASN A 28 0.47 -6.42 5.43
CA ASN A 28 -0.34 -5.46 4.71
C ASN A 28 -1.58 -6.13 4.11
N ILE A 29 -2.76 -5.80 4.63
CA ILE A 29 -4.03 -6.29 4.08
C ILE A 29 -4.73 -5.17 3.30
N ALA A 30 -5.24 -5.48 2.11
CA ALA A 30 -5.94 -4.50 1.29
C ALA A 30 -7.22 -5.06 0.69
N ILE A 31 -8.33 -4.35 0.83
CA ILE A 31 -9.59 -4.76 0.23
C ILE A 31 -10.03 -3.81 -0.89
N GLY A 32 -10.38 -4.39 -2.03
CA GLY A 32 -10.85 -3.67 -3.19
C GLY A 32 -9.92 -2.65 -3.82
N GLY A 33 -10.49 -1.56 -4.29
CA GLY A 33 -9.73 -0.58 -5.04
C GLY A 33 -10.24 0.82 -4.81
N ALA A 34 -10.45 1.58 -5.88
CA ALA A 34 -10.83 2.99 -5.75
C ALA A 34 -12.13 3.21 -4.97
N ALA A 35 -13.16 2.46 -5.35
CA ALA A 35 -14.49 2.58 -4.74
C ALA A 35 -14.46 2.13 -3.29
N THR A 36 -13.45 1.38 -2.89
CA THR A 36 -13.39 0.84 -1.54
C THR A 36 -12.36 1.49 -0.63
N GLY A 37 -11.15 1.61 -1.12
CA GLY A 37 -10.04 2.20 -0.39
C GLY A 37 -9.73 1.66 0.99
N ILE A 38 -10.12 0.42 1.29
CA ILE A 38 -9.82 -0.17 2.62
C ILE A 38 -8.45 -0.84 2.67
N ALA A 39 -7.74 -0.62 3.77
CA ALA A 39 -6.41 -1.17 4.02
C ALA A 39 -6.14 -1.35 5.50
N ALA A 40 -5.22 -2.24 5.86
CA ALA A 40 -4.84 -2.45 7.27
C ALA A 40 -3.37 -2.82 7.36
N VAL A 41 -2.75 -2.50 8.48
CA VAL A 41 -1.39 -2.90 8.74
C VAL A 41 -1.25 -3.56 10.10
N LEU A 42 -0.89 -4.84 10.09
CA LEU A 42 -0.70 -5.63 11.29
C LEU A 42 0.77 -6.03 11.49
N THR A 43 1.10 -6.51 12.68
CA THR A 43 2.41 -7.12 12.88
C THR A 43 2.29 -8.59 12.51
N ASP A 44 3.41 -9.18 12.09
CA ASP A 44 3.44 -10.58 11.71
C ASP A 44 3.56 -11.52 12.91
N GLY A 45 3.09 -11.10 14.07
CA GLY A 45 3.15 -11.96 15.25
C GLY A 45 1.82 -12.58 15.61
N ASN A 46 1.81 -13.32 16.71
CA ASN A 46 0.59 -13.91 17.25
C ASN A 46 0.48 -13.60 18.73
N PRO A 47 -0.60 -12.91 19.13
CA PRO A 47 -1.58 -12.41 18.17
C PRO A 47 -1.05 -11.16 17.47
N PRO A 48 -1.64 -10.82 16.33
CA PRO A 48 -1.21 -9.63 15.59
C PRO A 48 -1.66 -8.33 16.27
N GLU A 49 -0.78 -7.34 16.27
CA GLU A 49 -1.08 -6.03 16.78
C GLU A 49 -1.52 -5.10 15.64
N VAL A 50 -2.63 -4.38 15.82
CA VAL A 50 -3.10 -3.49 14.77
C VAL A 50 -2.31 -2.18 14.81
N MLY A 51 -1.74 -1.81 13.69
CA MLY A 51 -0.88 -0.65 13.62
CB MLY A 51 0.42 -0.95 12.89
CG MLY A 51 1.31 -1.92 13.65
CD MLY A 51 1.41 -1.46 15.07
CE MLY A 51 2.60 -2.06 15.81
NZ MLY A 51 3.21 -1.02 16.72
CH1 MLY A 51 2.82 0.29 16.18
CH2 MLY A 51 2.56 -1.14 18.02
C MLY A 51 -1.66 0.45 12.92
O MLY A 51 -1.45 1.65 13.21
N SER A 52 -2.55 0.06 12.02
CA SER A 52 -3.44 1.02 11.40
C SER A 52 -4.52 0.37 10.56
N VAL A 53 -5.66 1.04 10.45
CA VAL A 53 -6.75 0.59 9.60
C VAL A 53 -7.31 1.79 8.85
N GLY A 54 -7.47 1.68 7.54
CA GLY A 54 -8.05 2.75 6.76
C GLY A 54 -9.36 2.27 6.16
N LEU A 55 -10.46 2.94 6.48
CA LEU A 55 -11.76 2.48 6.01
C LEU A 55 -12.23 3.30 4.80
N GLY A 56 -11.39 4.23 4.35
CA GLY A 56 -11.82 5.07 3.25
C GLY A 56 -12.93 6.05 3.67
N ASN A 57 -13.63 6.60 2.69
CA ASN A 57 -14.64 7.56 3.02
C ASN A 57 -16.02 6.92 3.11
N VAL A 58 -16.56 6.92 4.32
CA VAL A 58 -17.89 6.36 4.58
C VAL A 58 -18.82 7.38 5.29
N ASN A 59 -19.99 7.61 4.71
CA ASN A 59 -20.93 8.60 5.23
C ASN A 59 -20.29 9.97 5.46
N GLY A 60 -19.54 10.41 4.45
CA GLY A 60 -18.96 11.74 4.42
C GLY A 60 -17.67 11.90 5.18
N VAL A 61 -17.27 10.88 5.93
CA VAL A 61 -16.05 10.98 6.75
C VAL A 61 -14.98 9.97 6.38
N THR A 62 -13.76 10.43 6.17
CA THR A 62 -12.60 9.56 5.93
C THR A 62 -12.10 8.95 7.23
N LEU A 63 -12.53 7.72 7.48
CA LEU A 63 -12.30 7.02 8.75
C LEU A 63 -11.04 6.15 8.74
N GLY A 64 -10.36 6.07 9.88
CA GLY A 64 -9.22 5.21 10.03
C GLY A 64 -8.76 5.12 11.45
N TYR A 65 -8.06 4.04 11.78
CA TYR A 65 -7.44 3.88 13.10
C TYR A 65 -5.93 3.90 12.97
N THR A 66 -5.27 4.56 13.92
CA THR A 66 -3.83 4.67 13.98
C THR A 66 -3.37 4.41 15.38
N SER A 67 -2.51 3.42 15.55
CA SER A 67 -2.09 3.03 16.89
C SER A 67 -1.29 4.14 17.54
N GLY A 68 -1.33 4.20 18.87
CA GLY A 68 -0.53 5.15 19.60
C GLY A 68 -0.88 6.62 19.41
N THR A 69 -2.17 6.91 19.23
CA THR A 69 -2.61 8.29 19.03
C THR A 69 -3.60 8.71 20.11
N GLY A 70 -4.18 7.72 20.77
CA GLY A 70 -5.17 7.92 21.80
C GLY A 70 -6.53 8.02 21.18
N GLN A 71 -6.61 7.82 19.87
CA GLN A 71 -7.90 7.91 19.19
C GLN A 71 -8.36 6.54 18.71
N GLY A 72 -9.48 6.11 19.26
CA GLY A 72 -10.00 4.80 18.93
C GLY A 72 -9.15 3.69 19.56
N ASN A 73 -9.44 2.47 19.14
CA ASN A 73 -8.77 1.29 19.63
C ASN A 73 -8.89 0.21 18.56
N ALA A 74 -8.08 -0.83 18.63
CA ALA A 74 -8.19 -1.91 17.63
C ALA A 74 -7.50 -3.20 18.08
N SER A 75 -8.15 -4.33 17.81
CA SER A 75 -7.57 -5.63 18.11
C SER A 75 -7.69 -6.57 16.93
N ALA A 76 -6.79 -7.53 16.86
CA ALA A 76 -6.88 -8.50 15.77
C ALA A 76 -6.57 -9.90 16.26
N THR A 77 -7.16 -10.85 15.58
CA THR A 77 -6.86 -12.23 15.82
C THR A 77 -6.56 -12.88 14.50
N MLY A 78 -5.68 -13.87 14.52
CA MLY A 78 -5.33 -14.59 13.33
CB MLY A 78 -3.83 -14.44 13.07
CG MLY A 78 -3.31 -15.24 11.91
CD MLY A 78 -1.91 -14.82 11.57
CE MLY A 78 -1.12 -15.95 10.93
NZ MLY A 78 0.02 -15.42 10.15
CH1 MLY A 78 1.09 -16.42 10.26
CH2 MLY A 78 -0.41 -15.40 8.74
C MLY A 78 -5.66 -16.03 13.58
O MLY A 78 -5.27 -16.59 14.59
N ASP A 79 -6.42 -16.62 12.67
CA ASP A 79 -6.69 -18.05 12.76
C ASP A 79 -6.36 -18.67 11.41
N GLY A 80 -5.11 -19.10 11.26
CA GLY A 80 -4.63 -19.62 10.00
C GLY A 80 -4.36 -18.47 9.06
N SER A 81 -5.16 -18.37 8.00
CA SER A 81 -5.07 -17.25 7.06
C SER A 81 -6.17 -16.23 7.32
N HIS A 82 -7.09 -16.55 8.24
CA HIS A 82 -8.19 -15.66 8.58
C HIS A 82 -7.78 -14.61 9.61
N TYR A 83 -8.18 -13.37 9.34
CA TYR A 83 -7.93 -12.24 10.21
C TYR A 83 -9.23 -11.59 10.65
N LYS A 84 -9.33 -11.27 11.92
CA LYS A 84 -10.46 -10.51 12.42
C LYS A 84 -9.91 -9.26 13.06
N ILE A 85 -10.32 -8.10 12.54
CA ILE A 85 -9.90 -6.84 13.13
C ILE A 85 -11.12 -6.07 13.64
N THR A 86 -11.11 -5.72 14.92
CA THR A 86 -12.19 -4.92 15.48
C THR A 86 -11.63 -3.73 16.24
N GLY A 87 -12.38 -2.64 16.22
CA GLY A 87 -11.96 -1.48 16.98
C GLY A 87 -12.86 -0.31 16.68
N THR A 88 -12.33 0.88 16.92
CA THR A 88 -13.00 2.15 16.70
C THR A 88 -12.10 3.02 15.84
N ALA A 89 -12.59 3.42 14.67
CA ALA A 89 -11.87 4.33 13.78
C ALA A 89 -12.27 5.79 14.04
N THR A 90 -11.39 6.72 13.65
CA THR A 90 -11.62 8.16 13.81
C THR A 90 -11.59 8.89 12.47
N GLY A 91 -12.20 10.07 12.43
CA GLY A 91 -12.21 10.88 11.23
C GLY A 91 -12.54 12.33 11.50
N VAL A 92 -12.39 13.15 10.47
CA VAL A 92 -12.66 14.56 10.62
C VAL A 92 -14.06 14.88 10.11
N ASP A 93 -14.82 15.64 10.89
CA ASP A 93 -16.13 16.09 10.44
C ASP A 93 -15.96 17.34 9.59
N MET A 94 -16.03 17.15 8.28
CA MET A 94 -15.77 18.23 7.34
C MET A 94 -16.63 19.47 7.57
N ALA A 95 -17.85 19.25 8.07
CA ALA A 95 -18.80 20.34 8.27
C ALA A 95 -18.66 21.03 9.62
N ASN A 96 -18.36 20.26 10.66
CA ASN A 96 -18.20 20.75 12.02
C ASN A 96 -16.98 20.14 12.63
N PRO A 97 -15.82 20.72 12.35
CA PRO A 97 -14.56 20.11 12.79
C PRO A 97 -14.27 20.28 14.29
N MET A 98 -15.29 20.69 15.04
CA MET A 98 -15.16 20.92 16.48
C MET A 98 -14.71 19.64 17.18
N SER A 99 -15.41 18.54 16.90
CA SER A 99 -15.07 17.25 17.50
C SER A 99 -14.90 16.14 16.45
N PRO A 100 -14.01 15.17 16.72
CA PRO A 100 -13.75 14.08 15.78
C PRO A 100 -14.93 13.13 15.70
N VAL A 101 -14.86 12.22 14.74
CA VAL A 101 -15.91 11.24 14.53
C VAL A 101 -15.42 9.85 14.93
N ASN A 102 -16.17 9.14 15.78
CA ASN A 102 -15.76 7.81 16.19
C ASN A 102 -16.78 6.75 15.83
N MLY A 103 -16.44 5.93 14.84
CA MLY A 103 -17.30 4.82 14.45
CB MLY A 103 -17.66 4.92 12.97
CG MLY A 103 -18.14 6.28 12.54
CD MLY A 103 -19.13 6.82 13.53
CE MLY A 103 -20.11 7.78 12.91
NZ MLY A 103 -21.14 8.15 13.91
CH1 MLY A 103 -21.62 9.46 13.47
CH2 MLY A 103 -22.24 7.20 13.70
C MLY A 103 -16.57 3.51 14.70
O MLY A 103 -15.36 3.40 14.50
N SER A 104 -17.32 2.50 15.13
CA SER A 104 -16.79 1.17 15.31
C SER A 104 -16.68 0.51 13.96
N PHE A 105 -15.77 -0.44 13.85
CA PHE A 105 -15.62 -1.23 12.64
C PHE A 105 -15.27 -2.67 13.00
N GLU A 106 -15.55 -3.56 12.05
CA GLU A 106 -15.18 -4.97 12.18
C GLU A 106 -14.74 -5.44 10.81
N ILE A 107 -13.57 -6.03 10.73
CA ILE A 107 -13.14 -6.57 9.45
C ILE A 107 -12.81 -8.04 9.57
N GLU A 108 -13.42 -8.85 8.72
CA GLU A 108 -13.13 -10.28 8.69
C GLU A 108 -12.76 -10.71 7.27
N VAL A 109 -11.49 -11.06 7.09
CA VAL A 109 -10.98 -11.47 5.79
C VAL A 109 -10.11 -12.72 5.88
N THR A 110 -9.95 -13.35 4.72
CA THR A 110 -9.05 -14.48 4.50
C THR A 110 -8.05 -14.11 3.45
N CYS A 111 -6.79 -14.39 3.67
CA CYS A 111 -5.81 -14.01 2.68
C CYS A 111 -5.48 -15.18 1.74
N SER A 112 -6.38 -16.16 1.62
CA SER A 112 -6.14 -17.39 0.87
C SER A 112 -6.66 -17.33 -0.56
N THR A 113 -6.37 -18.38 -1.33
CA THR A 113 -6.78 -18.50 -2.73
C THR A 113 -6.64 -17.19 -3.51
N SER B 1 12.86 25.79 29.79
CA SER B 1 12.86 24.34 29.61
C SER B 1 11.85 23.67 30.54
N GLY B 2 10.99 24.50 31.16
CA GLY B 2 9.95 24.03 32.06
C GLY B 2 9.26 22.74 31.63
N PRO B 3 8.87 21.91 32.62
CA PRO B 3 8.29 20.59 32.32
C PRO B 3 6.88 20.71 31.77
N LYS B 4 6.57 19.93 30.76
CA LYS B 4 5.24 19.98 30.16
C LYS B 4 4.71 18.54 30.08
N VAL B 5 3.55 18.33 30.69
CA VAL B 5 2.87 17.05 30.74
C VAL B 5 1.47 17.24 30.13
N VAL B 6 1.15 16.52 29.07
CA VAL B 6 -0.16 16.63 28.45
C VAL B 6 -0.82 15.29 28.44
N ILE B 7 -2.03 15.19 28.96
CA ILE B 7 -2.78 13.93 28.91
C ILE B 7 -4.11 14.12 28.18
N ASP B 8 -4.27 13.39 27.08
CA ASP B 8 -5.45 13.50 26.21
C ASP B 8 -5.63 14.92 25.67
N GLY B 9 -4.53 15.52 25.24
CA GLY B 9 -4.56 16.84 24.62
C GLY B 9 -4.78 17.99 25.58
N MLY B 10 -4.87 17.66 26.87
CA MLY B 10 -5.18 18.65 27.88
CB MLY B 10 -6.50 18.27 28.59
CG MLY B 10 -7.73 18.57 27.68
CD MLY B 10 -9.03 17.77 27.94
CE MLY B 10 -10.11 18.14 26.86
NZ MLY B 10 -11.53 17.64 27.09
CH1 MLY B 10 -12.35 18.06 25.94
CH2 MLY B 10 -11.46 16.17 27.07
C MLY B 10 -3.99 18.85 28.82
O MLY B 10 -3.66 17.97 29.64
HA MLY B 10 -5.33 19.50 27.42
N ASP B 11 -3.32 19.98 28.68
CA ASP B 11 -2.16 20.32 29.50
C ASP B 11 -2.50 20.28 30.99
N GLN B 12 -1.69 19.53 31.74
CA GLN B 12 -1.91 19.37 33.19
C GLN B 12 -1.40 20.54 34.01
N ASN B 13 -0.58 21.37 33.37
CA ASN B 13 0.08 22.48 34.01
C ASN B 13 0.79 22.10 35.31
N VAL B 14 1.69 21.13 35.25
CA VAL B 14 2.39 20.68 36.44
C VAL B 14 3.30 21.78 36.97
N THR B 15 3.30 21.95 38.27
CA THR B 15 4.14 22.93 38.94
C THR B 15 5.29 22.20 39.61
N GLY B 16 5.12 20.89 39.75
CA GLY B 16 6.12 20.04 40.41
C GLY B 16 7.47 20.13 39.73
N SER B 17 8.53 19.88 40.49
CA SER B 17 9.88 19.90 39.93
C SER B 17 10.22 18.56 39.28
N VAL B 18 11.21 18.56 38.39
CA VAL B 18 11.63 17.32 37.70
C VAL B 18 12.95 16.75 38.24
N VAL B 19 12.92 15.54 38.76
CA VAL B 19 14.14 14.93 39.29
C VAL B 19 14.39 13.61 38.62
N CYS B 20 15.63 13.43 38.16
CA CYS B 20 16.03 12.23 37.42
C CYS B 20 17.18 11.52 38.12
N THR B 21 17.14 10.20 38.09
CA THR B 21 18.28 9.46 38.62
C THR B 21 18.64 8.34 37.66
N THR B 22 19.91 8.02 37.58
CA THR B 22 20.34 6.95 36.70
C THR B 22 20.86 5.82 37.53
N ALA B 23 20.29 4.64 37.27
CA ALA B 23 20.63 3.45 38.02
C ALA B 23 20.28 2.22 37.22
N ALA B 24 21.16 1.22 37.31
CA ALA B 24 20.94 -0.05 36.66
C ALA B 24 20.71 0.13 35.16
N GLY B 25 21.37 1.12 34.57
CA GLY B 25 21.24 1.32 33.14
C GLY B 25 19.86 1.79 32.74
N ASN B 26 19.13 2.36 33.70
CA ASN B 26 17.83 2.94 33.45
C ASN B 26 17.89 4.39 33.87
N VAL B 27 17.00 5.21 33.29
CA VAL B 27 16.82 6.56 33.74
C VAL B 27 15.45 6.68 34.41
N ASN B 28 15.45 7.04 35.68
CA ASN B 28 14.23 7.25 36.44
C ASN B 28 13.87 8.72 36.46
N ILE B 29 12.75 9.03 35.80
CA ILE B 29 12.24 10.39 35.74
C ILE B 29 11.01 10.52 36.63
N ALA B 30 10.99 11.55 37.47
CA ALA B 30 9.87 11.78 38.37
C ALA B 30 9.42 13.23 38.30
N ILE B 31 8.12 13.45 38.11
CA ILE B 31 7.65 14.81 38.13
C ILE B 31 6.74 15.08 39.33
N GLY B 32 7.07 16.10 40.08
CA GLY B 32 6.31 16.50 41.25
C GLY B 32 6.22 15.48 42.37
N GLY B 33 5.06 15.44 43.04
CA GLY B 33 4.91 14.66 44.25
C GLY B 33 3.51 14.18 44.53
N ALA B 34 3.03 14.37 45.75
CA ALA B 34 1.75 13.81 46.15
C ALA B 34 0.62 14.20 45.21
N ALA B 35 0.52 15.48 44.89
CA ALA B 35 -0.57 15.95 44.02
C ALA B 35 -0.41 15.49 42.57
N THR B 36 0.80 15.13 42.18
CA THR B 36 1.06 14.82 40.77
C THR B 36 1.22 13.33 40.48
N GLY B 37 2.11 12.67 41.21
CA GLY B 37 2.34 11.25 41.07
C GLY B 37 2.77 10.73 39.71
N ILE B 38 3.46 11.57 38.93
CA ILE B 38 3.95 11.18 37.61
C ILE B 38 5.36 10.58 37.64
N ALA B 39 5.54 9.49 36.89
CA ALA B 39 6.86 8.83 36.82
C ALA B 39 7.08 8.12 35.48
N ALA B 40 8.34 7.93 35.13
CA ALA B 40 8.69 7.22 33.91
C ALA B 40 10.00 6.45 34.10
N VAL B 41 10.15 5.35 33.38
CA VAL B 41 11.40 4.61 33.40
C VAL B 41 11.89 4.44 31.97
N LEU B 42 13.01 5.07 31.66
CA LEU B 42 13.59 4.88 30.34
C LEU B 42 14.92 4.15 30.48
N THR B 43 15.45 3.65 29.37
CA THR B 43 16.78 3.08 29.38
C THR B 43 17.80 4.17 29.22
N ASP B 44 18.98 3.95 29.77
CA ASP B 44 20.07 4.92 29.70
C ASP B 44 20.83 4.87 28.37
N GLY B 45 20.23 5.37 27.30
CA GLY B 45 20.92 5.43 26.02
C GLY B 45 20.24 6.31 24.99
N ASN B 46 20.82 6.37 23.79
CA ASN B 46 20.22 7.11 22.69
C ASN B 46 20.10 6.28 21.44
N PRO B 47 18.87 6.08 20.98
CA PRO B 47 17.70 6.61 21.66
C PRO B 47 17.28 5.82 22.89
N PRO B 48 16.55 6.45 23.80
CA PRO B 48 16.03 5.82 25.03
C PRO B 48 14.78 4.97 24.76
N GLU B 49 14.68 3.79 25.38
CA GLU B 49 13.48 2.97 25.27
C GLU B 49 12.57 3.22 26.46
N VAL B 50 11.29 3.49 26.19
CA VAL B 50 10.37 3.71 27.28
C VAL B 50 9.89 2.40 27.85
N LYS B 51 10.31 2.14 29.08
CA LYS B 51 9.94 0.91 29.76
C LYS B 51 8.60 1.01 30.46
N SER B 52 8.33 2.17 31.07
CA SER B 52 7.02 2.41 31.70
C SER B 52 6.73 3.89 31.97
N VAL B 53 5.45 4.27 31.99
CA VAL B 53 5.05 5.64 32.31
C VAL B 53 3.85 5.70 33.24
N GLY B 54 3.94 6.44 34.34
CA GLY B 54 2.82 6.58 35.25
C GLY B 54 2.30 8.01 35.30
N LEU B 55 1.04 8.19 34.93
CA LEU B 55 0.45 9.51 34.87
C LEU B 55 -0.41 9.83 36.08
N GLY B 56 -0.51 8.89 37.01
CA GLY B 56 -1.35 9.09 38.17
C GLY B 56 -2.84 9.01 37.82
N ASN B 57 -3.68 9.49 38.73
CA ASN B 57 -5.12 9.42 38.54
C ASN B 57 -5.69 10.74 37.96
N VAL B 58 -6.12 10.69 36.70
CA VAL B 58 -6.63 11.84 35.99
C VAL B 58 -8.03 11.56 35.46
N ASN B 59 -8.99 12.43 35.79
CA ASN B 59 -10.38 12.21 35.41
C ASN B 59 -10.90 10.81 35.79
N GLY B 60 -10.59 10.41 37.02
CA GLY B 60 -11.11 9.20 37.62
C GLY B 60 -10.36 7.92 37.32
N VAL B 61 -9.37 8.00 36.44
CA VAL B 61 -8.66 6.84 35.94
C VAL B 61 -7.17 6.86 36.27
N THR B 62 -6.68 5.77 36.88
CA THR B 62 -5.26 5.64 37.16
C THR B 62 -4.63 5.16 35.86
N LEU B 63 -3.95 6.06 35.16
CA LEU B 63 -3.40 5.79 33.84
C LEU B 63 -1.94 5.41 33.90
N GLY B 64 -1.51 4.53 32.99
CA GLY B 64 -0.11 4.18 32.91
C GLY B 64 0.23 3.43 31.65
N TYR B 65 1.49 3.49 31.24
CA TYR B 65 1.95 2.67 30.12
C TYR B 65 3.00 1.67 30.56
N THR B 66 2.90 0.44 30.04
CA THR B 66 3.90 -0.59 30.37
C THR B 66 4.38 -1.31 29.13
N SER B 67 5.67 -1.27 28.85
CA SER B 67 6.21 -1.88 27.62
C SER B 67 6.12 -3.41 27.57
N GLY B 68 6.03 -3.95 26.36
CA GLY B 68 5.99 -5.39 26.18
C GLY B 68 4.73 -6.05 26.71
N THR B 69 3.61 -5.37 26.57
CA THR B 69 2.34 -5.86 27.08
C THR B 69 1.34 -6.02 25.95
N GLY B 70 1.63 -5.35 24.84
CA GLY B 70 0.70 -5.38 23.74
C GLY B 70 -0.36 -4.32 23.99
N GLN B 71 -0.16 -3.52 25.05
CA GLN B 71 -1.07 -2.43 25.38
C GLN B 71 -0.42 -1.07 25.22
N GLY B 72 -1.05 -0.22 24.43
CA GLY B 72 -0.54 1.14 24.29
C GLY B 72 0.74 1.20 23.49
N ASN B 73 1.37 2.36 23.49
CA ASN B 73 2.59 2.60 22.75
C ASN B 73 3.35 3.76 23.37
N ALA B 74 4.65 3.86 23.12
CA ALA B 74 5.44 4.95 23.66
C ALA B 74 6.77 5.05 22.94
N SER B 75 7.16 6.27 22.62
CA SER B 75 8.46 6.51 22.04
C SER B 75 9.00 7.74 22.77
N ALA B 76 10.32 7.88 22.80
CA ALA B 76 10.95 8.99 23.46
C ALA B 76 12.11 9.48 22.61
N THR B 77 12.48 10.73 22.77
CA THR B 77 13.66 11.29 22.15
C THR B 77 14.48 11.94 23.24
N LYS B 78 15.80 11.92 23.09
CA LYS B 78 16.70 12.52 24.05
C LYS B 78 17.61 13.51 23.35
N ASP B 79 17.60 14.74 23.80
CA ASP B 79 18.51 15.73 23.27
C ASP B 79 19.33 16.30 24.41
N GLY B 80 20.40 15.61 24.76
CA GLY B 80 21.19 16.02 25.91
C GLY B 80 20.47 15.67 27.18
N SER B 81 20.00 16.70 27.88
CA SER B 81 19.27 16.53 29.14
C SER B 81 17.77 16.60 28.91
N HIS B 82 17.38 16.92 27.68
CA HIS B 82 15.98 17.05 27.33
C HIS B 82 15.37 15.72 26.88
N TYR B 83 14.23 15.37 27.45
CA TYR B 83 13.51 14.18 27.05
C TYR B 83 12.13 14.56 26.57
N LYS B 84 11.71 14.00 25.45
CA LYS B 84 10.34 14.13 24.98
C LYS B 84 9.76 12.73 24.89
N ILE B 85 8.72 12.47 25.68
CA ILE B 85 8.06 11.17 25.66
C ILE B 85 6.59 11.29 25.22
N THR B 86 6.20 10.57 24.19
CA THR B 86 4.81 10.58 23.77
C THR B 86 4.34 9.13 23.61
N GLY B 87 3.08 8.87 23.92
CA GLY B 87 2.56 7.52 23.80
C GLY B 87 1.12 7.38 24.25
N THR B 88 0.73 6.17 24.63
CA THR B 88 -0.63 5.89 25.03
C THR B 88 -0.71 5.21 26.38
N ALA B 89 -1.36 5.85 27.34
CA ALA B 89 -1.50 5.25 28.66
C ALA B 89 -2.82 4.51 28.75
N THR B 90 -2.86 3.50 29.61
CA THR B 90 -4.01 2.63 29.81
C THR B 90 -4.44 2.67 31.27
N GLY B 91 -5.70 2.38 31.54
CA GLY B 91 -6.14 2.37 32.91
C GLY B 91 -7.49 1.72 32.94
N VAL B 92 -8.01 1.50 34.14
CA VAL B 92 -9.34 0.89 34.30
C VAL B 92 -10.41 1.95 34.54
N ASP B 93 -11.55 1.77 33.87
CA ASP B 93 -12.76 2.56 34.09
C ASP B 93 -13.54 1.91 35.24
N MET B 94 -13.42 2.46 36.45
CA MET B 94 -14.02 1.84 37.63
C MET B 94 -15.53 1.57 37.49
N ALA B 95 -16.21 2.38 36.68
CA ALA B 95 -17.67 2.28 36.51
C ALA B 95 -18.12 1.32 35.40
N ASN B 96 -17.33 1.25 34.34
CA ASN B 96 -17.65 0.36 33.25
C ASN B 96 -16.38 -0.34 32.81
N PRO B 97 -16.05 -1.44 33.50
CA PRO B 97 -14.79 -2.16 33.31
C PRO B 97 -14.78 -3.08 32.09
N MET B 98 -15.78 -2.98 31.23
CA MET B 98 -15.87 -3.82 30.05
C MET B 98 -14.66 -3.66 29.14
N SER B 99 -14.32 -2.40 28.84
CA SER B 99 -13.21 -2.08 27.94
C SER B 99 -12.22 -1.17 28.65
N PRO B 100 -10.92 -1.33 28.35
CA PRO B 100 -9.92 -0.51 29.04
C PRO B 100 -10.00 0.96 28.62
N VAL B 101 -9.24 1.82 29.29
CA VAL B 101 -9.22 3.22 28.92
C VAL B 101 -7.88 3.57 28.28
N ASN B 102 -7.91 4.17 27.09
CA ASN B 102 -6.69 4.61 26.42
C ASN B 102 -6.68 6.11 26.27
N MLY B 103 -5.66 6.74 26.84
CA MLY B 103 -5.50 8.18 26.76
CB MLY B 103 -5.84 8.84 28.11
CG MLY B 103 -7.24 8.55 28.65
CD MLY B 103 -8.37 9.05 27.72
CE MLY B 103 -9.65 9.27 28.53
NZ MLY B 103 -10.93 9.43 27.77
CH1 MLY B 103 -10.65 9.34 26.33
CH2 MLY B 103 -11.76 8.26 28.11
C MLY B 103 -4.09 8.53 26.34
O MLY B 103 -3.13 8.10 26.96
N SER B 104 -3.98 9.33 25.29
CA SER B 104 -2.68 9.76 24.79
C SER B 104 -1.96 10.60 25.80
N PHE B 105 -0.63 10.64 25.75
CA PHE B 105 0.10 11.50 26.66
C PHE B 105 1.39 12.02 26.04
N GLU B 106 1.87 13.10 26.61
CA GLU B 106 3.11 13.72 26.19
C GLU B 106 3.82 14.28 27.41
N ILE B 107 5.09 13.94 27.57
CA ILE B 107 5.88 14.49 28.63
C ILE B 107 7.11 15.14 28.06
N GLU B 108 7.35 16.41 28.40
CA GLU B 108 8.59 17.08 27.99
C GLU B 108 9.29 17.59 29.22
N VAL B 109 10.46 17.05 29.50
CA VAL B 109 11.22 17.41 30.70
C VAL B 109 12.70 17.56 30.44
N THR B 110 13.36 18.22 31.37
CA THR B 110 14.80 18.41 31.38
C THR B 110 15.41 17.81 32.64
N CYS B 111 16.45 17.00 32.47
CA CYS B 111 17.07 16.29 33.58
C CYS B 111 18.42 16.89 33.90
N SER B 112 18.50 17.54 35.06
CA SER B 112 19.72 18.24 35.43
C SER B 112 20.61 17.37 36.31
N GLY C 2 -3.23 27.16 -1.27
CA GLY C 2 -3.81 25.96 -1.85
C GLY C 2 -3.13 24.66 -1.44
N PRO C 3 -3.90 23.56 -1.35
CA PRO C 3 -3.35 22.26 -0.94
C PRO C 3 -2.52 21.65 -2.07
N LYS C 4 -1.36 21.08 -1.74
CA LYS C 4 -0.48 20.47 -2.73
C LYS C 4 -0.07 19.08 -2.27
N VAL C 5 -0.38 18.09 -3.08
CA VAL C 5 -0.01 16.71 -2.79
C VAL C 5 0.81 16.09 -3.92
N VAL C 6 2.02 15.66 -3.60
CA VAL C 6 2.86 15.02 -4.61
C VAL C 6 3.20 13.61 -4.16
N ILE C 7 2.94 12.66 -5.07
CA ILE C 7 3.23 11.25 -4.85
C ILE C 7 4.15 10.66 -5.93
N ASP C 8 5.29 10.12 -5.52
CA ASP C 8 6.28 9.59 -6.44
C ASP C 8 6.73 10.69 -7.41
N GLY C 9 6.85 11.91 -6.88
CA GLY C 9 7.32 13.03 -7.67
C GLY C 9 6.34 13.59 -8.71
N LYS C 10 5.13 13.05 -8.74
CA LYS C 10 4.11 13.53 -9.68
C LYS C 10 3.03 14.28 -8.92
N ASP C 11 2.76 15.52 -9.30
CA ASP C 11 1.75 16.32 -8.61
C ASP C 11 0.37 15.76 -8.92
N GLN C 12 -0.43 15.54 -7.88
CA GLN C 12 -1.78 14.99 -8.01
C GLN C 12 -2.82 16.03 -8.42
N ASN C 13 -2.44 17.31 -8.31
CA ASN C 13 -3.36 18.42 -8.57
C ASN C 13 -4.66 18.29 -7.81
N VAL C 14 -4.56 18.17 -6.49
CA VAL C 14 -5.73 18.06 -5.61
C VAL C 14 -6.60 19.34 -5.55
N THR C 15 -7.90 19.14 -5.64
CA THR C 15 -8.84 20.24 -5.62
C THR C 15 -9.61 20.36 -4.31
N GLY C 16 -9.64 19.29 -3.54
CA GLY C 16 -10.41 19.24 -2.30
C GLY C 16 -10.09 20.31 -1.28
N SER C 17 -11.03 20.57 -0.37
CA SER C 17 -10.77 21.51 0.71
C SER C 17 -10.04 20.86 1.90
N VAL C 18 -9.34 21.67 2.66
CA VAL C 18 -8.59 21.19 3.82
C VAL C 18 -9.29 21.51 5.13
N VAL C 19 -9.55 20.48 5.92
CA VAL C 19 -10.19 20.66 7.22
C VAL C 19 -9.40 19.96 8.30
N CYS C 20 -9.11 20.66 9.38
CA CYS C 20 -8.30 20.12 10.46
C CYS C 20 -9.11 20.15 11.75
N THR C 21 -8.90 19.16 12.61
CA THR C 21 -9.52 19.17 13.92
C THR C 21 -8.42 18.78 14.92
N THR C 22 -8.55 19.24 16.16
CA THR C 22 -7.56 18.88 17.18
C THR C 22 -8.23 18.11 18.32
N ALA C 23 -7.65 16.95 18.62
CA ALA C 23 -8.14 16.08 19.67
C ALA C 23 -7.07 15.13 20.19
N ALA C 24 -7.08 14.89 21.49
CA ALA C 24 -6.17 13.92 22.11
C ALA C 24 -4.72 14.22 21.77
N GLY C 25 -4.39 15.51 21.72
CA GLY C 25 -3.03 15.95 21.46
C GLY C 25 -2.67 15.69 20.02
N ASN C 26 -3.65 15.59 19.14
CA ASN C 26 -3.30 15.34 17.75
C ASN C 26 -3.87 16.38 16.80
N VAL C 27 -3.24 16.49 15.65
CA VAL C 27 -3.80 17.29 14.60
C VAL C 27 -4.34 16.36 13.54
N ASN C 28 -5.65 16.36 13.35
CA ASN C 28 -6.27 15.54 12.33
C ASN C 28 -6.50 16.32 11.06
N ILE C 29 -5.75 16.00 10.03
CA ILE C 29 -5.91 16.70 8.78
C ILE C 29 -6.67 15.81 7.81
N ALA C 30 -7.65 16.38 7.14
CA ALA C 30 -8.40 15.65 6.13
C ALA C 30 -8.52 16.53 4.90
N ILE C 31 -8.14 16.01 3.75
CA ILE C 31 -8.26 16.77 2.51
C ILE C 31 -9.34 16.19 1.63
N GLY C 32 -10.15 17.05 1.03
CA GLY C 32 -11.18 16.62 0.10
C GLY C 32 -12.21 15.67 0.70
N GLY C 33 -12.63 14.68 -0.07
CA GLY C 33 -13.69 13.78 0.35
C GLY C 33 -13.50 12.43 -0.31
N ALA C 34 -14.56 11.86 -0.88
CA ALA C 34 -14.45 10.51 -1.44
C ALA C 34 -13.37 10.41 -2.53
N ALA C 35 -13.38 11.32 -3.50
CA ALA C 35 -12.42 11.28 -4.61
C ALA C 35 -11.01 11.57 -4.12
N THR C 36 -10.92 12.41 -3.09
CA THR C 36 -9.65 12.77 -2.48
C THR C 36 -9.67 12.20 -1.08
N GLY C 37 -9.47 10.89 -0.94
CA GLY C 37 -9.53 10.26 0.37
C GLY C 37 -8.35 10.47 1.29
N ILE C 38 -7.68 11.63 1.14
CA ILE C 38 -6.48 11.93 1.92
C ILE C 38 -6.80 12.47 3.31
N ALA C 39 -6.06 11.94 4.30
CA ALA C 39 -6.18 12.28 5.72
C ALA C 39 -4.83 12.08 6.38
N ALA C 40 -4.58 12.75 7.49
CA ALA C 40 -3.31 12.58 8.19
C ALA C 40 -3.50 12.78 9.68
N VAL C 41 -2.65 12.17 10.48
CA VAL C 41 -2.66 12.39 11.92
C VAL C 41 -1.29 12.79 12.41
N LEU C 42 -1.16 14.01 12.91
CA LEU C 42 0.11 14.42 13.44
C LEU C 42 -0.04 14.63 14.94
N THR C 43 1.08 14.67 15.66
CA THR C 43 1.00 15.01 17.07
C THR C 43 1.00 16.52 17.16
N ASP C 44 0.34 17.07 18.15
CA ASP C 44 0.33 18.50 18.27
C ASP C 44 1.65 18.89 18.90
N GLY C 45 2.49 19.52 18.11
CA GLY C 45 3.71 20.04 18.65
C GLY C 45 4.61 20.54 17.57
N ASN C 46 5.74 21.09 17.97
CA ASN C 46 6.74 21.51 17.02
C ASN C 46 8.09 21.00 17.46
N PRO C 47 8.68 20.13 16.64
CA PRO C 47 7.98 19.69 15.43
C PRO C 47 6.93 18.62 15.72
N PRO C 48 5.94 18.47 14.82
CA PRO C 48 4.90 17.45 14.93
C PRO C 48 5.42 16.07 14.52
N GLU C 49 5.02 15.01 15.22
CA GLU C 49 5.43 13.68 14.80
C GLU C 49 4.33 13.10 13.94
N VAL C 50 4.67 12.53 12.81
CA VAL C 50 3.64 11.97 11.94
C VAL C 50 3.20 10.62 12.46
N MLY C 51 1.92 10.47 12.77
CA MLY C 51 1.44 9.19 13.27
CB MLY C 51 0.39 9.37 14.36
CG MLY C 51 0.95 9.88 15.68
CD MLY C 51 1.88 8.87 16.30
CE MLY C 51 2.57 9.41 17.55
NZ MLY C 51 3.67 8.51 18.04
CH1 MLY C 51 4.11 7.66 16.92
CH2 MLY C 51 3.10 7.63 19.05
C MLY C 51 0.89 8.32 12.14
O MLY C 51 0.99 7.10 12.18
N SER C 52 0.33 8.97 11.12
CA SER C 52 -0.13 8.23 9.96
C SER C 52 -0.43 9.18 8.82
N VAL C 53 -0.30 8.69 7.60
CA VAL C 53 -0.71 9.45 6.43
C VAL C 53 -1.41 8.48 5.47
N GLY C 54 -2.60 8.86 5.02
CA GLY C 54 -3.36 8.07 4.08
C GLY C 54 -3.49 8.84 2.79
N LEU C 55 -3.05 8.26 1.68
CA LEU C 55 -3.10 8.99 0.41
C LEU C 55 -4.29 8.57 -0.44
N GLY C 56 -5.15 7.73 0.10
CA GLY C 56 -6.28 7.25 -0.69
C GLY C 56 -5.77 6.26 -1.72
N ASN C 57 -6.58 6.02 -2.74
CA ASN C 57 -6.25 5.07 -3.79
C ASN C 57 -5.63 5.75 -5.00
N VAL C 58 -4.35 5.49 -5.26
CA VAL C 58 -3.70 6.16 -6.39
C VAL C 58 -3.20 5.16 -7.42
N ASN C 59 -3.65 5.30 -8.66
CA ASN C 59 -3.30 4.35 -9.72
C ASN C 59 -3.55 2.91 -9.28
N GLY C 60 -4.73 2.68 -8.70
CA GLY C 60 -5.18 1.36 -8.29
C GLY C 60 -4.74 0.87 -6.91
N VAL C 61 -3.85 1.60 -6.24
CA VAL C 61 -3.26 1.16 -4.97
C VAL C 61 -3.61 2.07 -3.79
N THR C 62 -4.11 1.50 -2.71
CA THR C 62 -4.43 2.28 -1.52
C THR C 62 -3.19 2.61 -0.66
N LEU C 63 -2.60 3.78 -0.87
CA LEU C 63 -1.31 4.12 -0.24
C LEU C 63 -1.40 4.82 1.12
N GLY C 64 -0.45 4.51 2.00
CA GLY C 64 -0.39 5.17 3.27
C GLY C 64 0.85 4.90 4.09
N TYR C 65 1.14 5.82 5.02
CA TYR C 65 2.23 5.65 5.97
C TYR C 65 1.68 5.45 7.36
N THR C 66 2.29 4.53 8.10
CA THR C 66 1.89 4.23 9.47
C THR C 66 3.12 4.19 10.34
N SER C 67 3.16 5.03 11.37
CA SER C 67 4.33 5.09 12.25
C SER C 67 4.44 3.78 13.05
N GLY C 68 5.65 3.48 13.50
CA GLY C 68 5.89 2.31 14.32
C GLY C 68 5.78 0.94 13.67
N THR C 69 6.23 0.81 12.43
CA THR C 69 6.22 -0.48 11.76
C THR C 69 7.55 -0.94 11.14
N GLY C 70 8.46 -0.02 10.88
CA GLY C 70 9.69 -0.44 10.24
C GLY C 70 9.45 -0.50 8.74
N GLN C 71 8.27 -0.04 8.35
CA GLN C 71 7.87 0.06 6.97
C GLN C 71 7.70 1.53 6.64
N GLY C 72 8.44 2.01 5.65
CA GLY C 72 8.36 3.40 5.24
C GLY C 72 8.88 4.42 6.25
N ASN C 73 8.68 5.70 5.96
CA ASN C 73 9.15 6.77 6.83
C ASN C 73 8.34 8.05 6.60
N ALA C 74 8.34 8.95 7.58
CA ALA C 74 7.61 10.21 7.41
C ALA C 74 8.01 11.31 8.40
N SER C 75 8.17 12.51 7.88
CA SER C 75 8.50 13.65 8.74
C SER C 75 7.65 14.88 8.43
N ALA C 76 7.48 15.75 9.41
CA ALA C 76 6.67 16.93 9.21
C ALA C 76 7.23 18.21 9.84
N THR C 77 6.84 19.35 9.26
CA THR C 77 7.18 20.67 9.79
C THR C 77 5.91 21.51 9.98
N LYS C 78 5.92 22.35 11.01
CA LYS C 78 4.80 23.24 11.27
C LYS C 78 5.24 24.69 11.36
N ASP C 79 4.70 25.52 10.47
CA ASP C 79 4.99 26.94 10.51
C ASP C 79 3.69 27.71 10.67
N GLY C 80 3.23 27.85 11.91
CA GLY C 80 1.94 28.43 12.16
C GLY C 80 0.83 27.44 11.83
N SER C 81 0.08 27.76 10.77
CA SER C 81 -1.02 26.92 10.31
C SER C 81 -0.62 26.08 9.11
N HIS C 82 0.57 26.36 8.58
CA HIS C 82 1.07 25.69 7.39
C HIS C 82 1.74 24.37 7.78
N TYR C 83 1.39 23.30 7.10
CA TYR C 83 2.01 21.99 7.35
C TYR C 83 2.66 21.41 6.12
N LYS C 84 3.85 20.87 6.32
CA LYS C 84 4.55 20.12 5.29
C LYS C 84 4.79 18.72 5.82
N ILE C 85 4.26 17.72 5.14
CA ILE C 85 4.53 16.31 5.48
C ILE C 85 5.23 15.62 4.31
N THR C 86 6.39 15.02 4.56
CA THR C 86 7.06 14.28 3.50
C THR C 86 7.47 12.89 3.98
N GLY C 87 7.43 11.93 3.05
CA GLY C 87 7.80 10.57 3.41
C GLY C 87 7.64 9.52 2.32
N THR C 88 7.50 8.28 2.76
CA THR C 88 7.35 7.14 1.87
C THR C 88 6.11 6.37 2.27
N ALA C 89 5.14 6.28 1.36
CA ALA C 89 3.92 5.53 1.63
C ALA C 89 3.97 4.11 1.03
N THR C 90 3.23 3.20 1.65
CA THR C 90 3.22 1.81 1.23
C THR C 90 1.83 1.34 0.87
N GLY C 91 1.76 0.31 0.04
CA GLY C 91 0.47 -0.24 -0.33
C GLY C 91 0.56 -1.59 -1.04
N VAL C 92 -0.59 -2.20 -1.25
CA VAL C 92 -0.67 -3.47 -1.88
C VAL C 92 -1.03 -3.37 -3.35
N ASP C 93 -0.26 -4.07 -4.17
CA ASP C 93 -0.57 -4.18 -5.58
C ASP C 93 -1.55 -5.33 -5.71
N MET C 94 -2.80 -4.99 -5.90
CA MET C 94 -3.89 -5.98 -5.96
C MET C 94 -3.61 -7.03 -7.02
N ALA C 95 -2.84 -6.70 -8.04
CA ALA C 95 -2.53 -7.64 -9.13
C ALA C 95 -1.33 -8.54 -8.81
N ASN C 96 -0.38 -8.02 -8.04
CA ASN C 96 0.85 -8.75 -7.76
C ASN C 96 1.21 -8.69 -6.28
N PRO C 97 0.67 -9.62 -5.49
CA PRO C 97 0.79 -9.55 -4.04
C PRO C 97 2.14 -9.93 -3.43
N MET C 98 3.18 -10.15 -4.24
CA MET C 98 4.47 -10.62 -3.70
C MET C 98 5.06 -9.72 -2.63
N SER C 99 5.27 -8.45 -3.02
CA SER C 99 5.77 -7.41 -2.13
C SER C 99 4.97 -6.13 -2.28
N PRO C 100 4.81 -5.39 -1.19
CA PRO C 100 4.07 -4.14 -1.25
C PRO C 100 4.78 -3.09 -2.09
N VAL C 101 4.08 -2.02 -2.38
CA VAL C 101 4.57 -0.95 -3.22
C VAL C 101 4.93 0.27 -2.39
N ASN C 102 6.06 0.89 -2.71
CA ASN C 102 6.53 2.08 -2.01
C ASN C 102 6.55 3.30 -2.92
N LYS C 103 5.89 4.37 -2.48
CA LYS C 103 5.87 5.62 -3.22
C LYS C 103 6.19 6.82 -2.31
N SER C 104 7.06 7.71 -2.76
CA SER C 104 7.35 8.91 -1.97
C SER C 104 6.21 9.91 -2.09
N PHE C 105 6.01 10.71 -1.06
CA PHE C 105 4.92 11.69 -1.08
C PHE C 105 5.31 12.97 -0.36
N GLU C 106 4.62 14.05 -0.72
CA GLU C 106 4.82 15.33 -0.07
C GLU C 106 3.47 16.03 0.04
N ILE C 107 3.12 16.41 1.26
CA ILE C 107 1.86 17.09 1.49
C ILE C 107 2.12 18.42 2.11
N GLU C 108 1.53 19.45 1.51
CA GLU C 108 1.62 20.79 2.01
C GLU C 108 0.22 21.38 2.16
N VAL C 109 -0.19 21.64 3.39
CA VAL C 109 -1.52 22.23 3.61
C VAL C 109 -1.45 23.35 4.63
N THR C 110 -2.49 24.19 4.62
CA THR C 110 -2.65 25.25 5.62
C THR C 110 -3.94 24.94 6.35
N CYS C 111 -3.83 24.88 7.66
CA CYS C 111 -4.92 24.36 8.47
C CYS C 111 -5.64 25.44 9.28
N SER C 112 -6.72 25.95 8.70
CA SER C 112 -7.48 27.04 9.32
C SER C 112 -8.97 26.89 9.03
N GLY D 2 2.14 16.09 -20.44
CA GLY D 2 0.92 15.88 -19.69
C GLY D 2 -0.21 15.28 -20.52
N PRO D 3 -1.07 14.47 -19.89
CA PRO D 3 -2.15 13.74 -20.56
C PRO D 3 -3.31 14.64 -20.92
N LYS D 4 -3.85 14.51 -22.13
CA LYS D 4 -4.96 15.35 -22.56
C LYS D 4 -6.06 14.47 -23.18
N VAL D 5 -7.24 14.52 -22.60
CA VAL D 5 -8.36 13.75 -23.13
C VAL D 5 -9.58 14.64 -23.41
N VAL D 6 -10.00 14.65 -24.67
CA VAL D 6 -11.15 15.43 -25.09
C VAL D 6 -12.24 14.54 -25.69
N ILE D 7 -13.44 14.68 -25.17
CA ILE D 7 -14.59 13.93 -25.67
C ILE D 7 -15.70 14.88 -26.13
N ASP D 8 -16.08 14.79 -27.39
CA ASP D 8 -17.14 15.67 -27.91
C ASP D 8 -16.74 17.13 -27.71
N GLY D 9 -15.48 17.43 -27.99
CA GLY D 9 -14.94 18.77 -27.94
C GLY D 9 -14.73 19.28 -26.52
N LYS D 10 -14.99 18.45 -25.53
CA LYS D 10 -14.86 18.87 -24.14
C LYS D 10 -13.64 18.26 -23.45
N ASP D 11 -12.75 19.11 -22.95
CA ASP D 11 -11.56 18.62 -22.27
C ASP D 11 -11.97 18.05 -20.93
N GLN D 12 -11.56 16.82 -20.67
CA GLN D 12 -11.91 16.12 -19.44
C GLN D 12 -11.00 16.55 -18.30
N ASN D 13 -9.93 17.26 -18.65
CA ASN D 13 -8.92 17.66 -17.69
C ASN D 13 -8.43 16.48 -16.87
N VAL D 14 -7.90 15.48 -17.56
CA VAL D 14 -7.37 14.30 -16.90
C VAL D 14 -6.12 14.67 -16.11
N THR D 15 -6.08 14.24 -14.87
CA THR D 15 -4.93 14.49 -14.03
C THR D 15 -4.12 13.19 -13.83
N GLY D 16 -4.75 12.06 -14.15
CA GLY D 16 -4.17 10.74 -13.96
C GLY D 16 -2.82 10.45 -14.59
N SER D 17 -2.12 9.45 -14.05
CA SER D 17 -0.84 9.06 -14.62
C SER D 17 -1.04 8.15 -15.82
N VAL D 18 -0.09 8.13 -16.75
CA VAL D 18 -0.22 7.27 -17.93
C VAL D 18 0.74 6.10 -17.88
N VAL D 19 0.20 4.89 -17.93
CA VAL D 19 1.03 3.70 -17.90
C VAL D 19 0.79 2.80 -19.10
N CYS D 20 1.87 2.43 -19.76
CA CYS D 20 1.80 1.65 -20.98
C CYS D 20 2.59 0.36 -20.78
N THR D 21 2.10 -0.73 -21.35
CA THR D 21 2.83 -2.00 -21.39
C THR D 21 2.72 -2.61 -22.77
N THR D 22 3.72 -3.37 -23.19
CA THR D 22 3.66 -3.97 -24.51
C THR D 22 3.62 -5.48 -24.43
N ALA D 23 2.66 -6.09 -25.12
CA ALA D 23 2.52 -7.53 -25.12
C ALA D 23 1.77 -8.04 -26.35
N ALA D 24 2.25 -9.17 -26.90
CA ALA D 24 1.63 -9.86 -28.03
C ALA D 24 1.42 -8.96 -29.24
N GLY D 25 2.36 -8.06 -29.47
CA GLY D 25 2.25 -7.15 -30.61
C GLY D 25 1.15 -6.11 -30.42
N ASN D 26 0.82 -5.82 -29.16
CA ASN D 26 -0.14 -4.77 -28.84
C ASN D 26 0.43 -3.73 -27.89
N VAL D 27 -0.09 -2.53 -27.94
CA VAL D 27 0.23 -1.53 -26.94
C VAL D 27 -0.97 -1.32 -26.06
N ASN D 28 -0.84 -1.66 -24.79
CA ASN D 28 -1.92 -1.49 -23.83
C ASN D 28 -1.67 -0.21 -23.05
N ILE D 29 -2.55 0.78 -23.29
CA ILE D 29 -2.48 2.07 -22.62
C ILE D 29 -3.53 2.17 -21.53
N ALA D 30 -3.13 2.69 -20.37
CA ALA D 30 -4.05 2.91 -19.26
C ALA D 30 -3.87 4.32 -18.66
N ILE D 31 -4.96 5.09 -18.53
CA ILE D 31 -4.90 6.41 -17.91
C ILE D 31 -5.65 6.45 -16.59
N GLY D 32 -5.05 7.08 -15.59
CA GLY D 32 -5.70 7.30 -14.31
C GLY D 32 -6.12 6.03 -13.61
N GLY D 33 -7.32 6.04 -13.03
CA GLY D 33 -7.84 4.93 -12.26
C GLY D 33 -9.35 4.90 -12.32
N ALA D 34 -10.03 4.74 -11.19
CA ALA D 34 -11.48 4.60 -11.20
C ALA D 34 -12.17 5.83 -11.79
N ALA D 35 -11.77 7.02 -11.35
CA ALA D 35 -12.40 8.25 -11.83
C ALA D 35 -12.08 8.46 -13.31
N THR D 36 -10.92 7.97 -13.74
CA THR D 36 -10.52 8.02 -15.13
C THR D 36 -10.39 6.58 -15.66
N GLY D 37 -11.50 5.85 -15.73
CA GLY D 37 -11.49 4.46 -16.20
C GLY D 37 -11.12 4.26 -17.66
N ILE D 38 -10.25 5.13 -18.17
CA ILE D 38 -9.87 5.14 -19.59
C ILE D 38 -8.73 4.20 -19.93
N ALA D 39 -8.92 3.44 -21.01
CA ALA D 39 -7.92 2.49 -21.49
C ALA D 39 -8.05 2.28 -22.99
N ALA D 40 -6.97 1.86 -23.63
CA ALA D 40 -7.00 1.63 -25.07
C ALA D 40 -6.04 0.52 -25.47
N VAL D 41 -6.37 -0.15 -26.58
CA VAL D 41 -5.52 -1.19 -27.10
C VAL D 41 -5.13 -0.90 -28.54
N LEU D 42 -3.85 -0.65 -28.74
CA LEU D 42 -3.30 -0.39 -30.05
C LEU D 42 -2.35 -1.49 -30.48
N THR D 43 -2.03 -1.55 -31.77
CA THR D 43 -0.99 -2.45 -32.23
C THR D 43 0.37 -1.75 -32.14
N ASP D 44 1.42 -2.51 -31.80
CA ASP D 44 2.75 -1.94 -31.69
C ASP D 44 3.46 -1.80 -33.04
N GLY D 45 3.09 -0.78 -33.79
CA GLY D 45 3.72 -0.56 -35.08
C GLY D 45 3.57 0.87 -35.54
N ASN D 46 4.06 1.16 -36.73
CA ASN D 46 3.92 2.51 -37.24
C ASN D 46 3.35 2.52 -38.66
N PRO D 47 2.15 3.09 -38.82
CA PRO D 47 1.37 3.67 -37.73
C PRO D 47 0.63 2.61 -36.91
N PRO D 48 0.23 2.93 -35.66
CA PRO D 48 -0.49 2.01 -34.78
C PRO D 48 -1.96 1.87 -35.17
N GLU D 49 -2.48 0.65 -35.11
CA GLU D 49 -3.89 0.43 -35.39
C GLU D 49 -4.68 0.40 -34.09
N VAL D 50 -5.79 1.13 -34.05
CA VAL D 50 -6.63 1.18 -32.87
C VAL D 50 -7.56 -0.03 -32.79
N LYS D 51 -7.32 -0.91 -31.84
CA LYS D 51 -8.16 -2.08 -31.69
C LYS D 51 -9.35 -1.80 -30.77
N SER D 52 -9.12 -1.01 -29.72
CA SER D 52 -10.22 -0.57 -28.87
C SER D 52 -9.85 0.64 -28.02
N VAL D 53 -10.86 1.44 -27.67
CA VAL D 53 -10.67 2.58 -26.77
C VAL D 53 -11.80 2.60 -25.79
N GLY D 54 -11.46 2.70 -24.50
CA GLY D 54 -12.47 2.80 -23.46
C GLY D 54 -12.41 4.18 -22.80
N LEU D 55 -13.50 4.94 -22.93
CA LEU D 55 -13.55 6.30 -22.41
C LEU D 55 -14.28 6.39 -21.07
N GLY D 56 -14.71 5.25 -20.56
CA GLY D 56 -15.46 5.24 -19.33
C GLY D 56 -16.85 5.79 -19.50
N ASN D 57 -17.49 6.13 -18.40
CA ASN D 57 -18.84 6.65 -18.40
C ASN D 57 -18.80 8.18 -18.35
N VAL D 58 -19.22 8.82 -19.44
CA VAL D 58 -19.17 10.27 -19.55
C VAL D 58 -20.56 10.84 -19.84
N ASN D 59 -20.99 11.78 -19.00
CA ASN D 59 -22.34 12.36 -19.05
C ASN D 59 -23.41 11.29 -19.12
N GLY D 60 -23.29 10.27 -18.28
CA GLY D 60 -24.32 9.27 -18.16
C GLY D 60 -24.28 8.13 -19.15
N VAL D 61 -23.34 8.19 -20.10
CA VAL D 61 -23.19 7.14 -21.11
C VAL D 61 -21.82 6.46 -21.07
N THR D 62 -21.80 5.12 -20.98
CA THR D 62 -20.54 4.36 -21.02
C THR D 62 -20.07 4.26 -22.47
N LEU D 63 -19.09 5.09 -22.83
CA LEU D 63 -18.61 5.23 -24.20
C LEU D 63 -17.38 4.40 -24.52
N GLY D 64 -17.32 3.87 -25.74
CA GLY D 64 -16.15 3.11 -26.17
C GLY D 64 -16.13 2.78 -27.65
N TYR D 65 -14.94 2.60 -28.20
CA TYR D 65 -14.78 2.23 -29.60
C TYR D 65 -14.26 0.81 -29.75
N THR D 66 -14.79 0.09 -30.74
CA THR D 66 -14.36 -1.27 -30.99
C THR D 66 -14.11 -1.48 -32.47
N SER D 67 -12.88 -1.86 -32.81
CA SER D 67 -12.52 -2.03 -34.21
C SER D 67 -13.25 -3.23 -34.82
N GLY D 68 -13.48 -3.19 -36.13
CA GLY D 68 -14.12 -4.29 -36.83
C GLY D 68 -15.57 -4.52 -36.46
N THR D 69 -16.29 -3.43 -36.19
CA THR D 69 -17.70 -3.52 -35.79
C THR D 69 -18.63 -2.78 -36.74
N GLY D 70 -18.11 -1.80 -37.46
CA GLY D 70 -18.95 -1.03 -38.35
C GLY D 70 -19.62 0.10 -37.60
N GLN D 71 -19.22 0.28 -36.35
CA GLN D 71 -19.70 1.38 -35.52
C GLN D 71 -18.55 2.31 -35.22
N GLY D 72 -18.70 3.58 -35.54
CA GLY D 72 -17.68 4.54 -35.24
C GLY D 72 -16.43 4.40 -36.09
N ASN D 73 -15.38 5.10 -35.69
CA ASN D 73 -14.11 5.15 -36.40
C ASN D 73 -12.97 5.53 -35.46
N ALA D 74 -11.74 5.22 -35.85
CA ALA D 74 -10.59 5.56 -35.01
C ALA D 74 -9.26 5.46 -35.77
N SER D 75 -8.39 6.44 -35.54
CA SER D 75 -7.04 6.42 -36.09
C SER D 75 -6.04 6.89 -35.03
N ALA D 76 -4.80 6.46 -35.17
CA ALA D 76 -3.77 6.85 -34.21
C ALA D 76 -2.46 7.18 -34.94
N THR D 77 -1.64 8.02 -34.31
CA THR D 77 -0.30 8.34 -34.79
C THR D 77 0.71 8.17 -33.65
N LYS D 78 1.89 7.70 -34.02
CA LYS D 78 2.98 7.45 -33.09
C LYS D 78 4.22 8.27 -33.42
N ASP D 79 4.63 9.10 -32.48
CA ASP D 79 5.85 9.90 -32.60
C ASP D 79 6.76 9.61 -31.40
N GLY D 80 7.52 8.53 -31.49
CA GLY D 80 8.33 8.09 -30.37
C GLY D 80 7.46 7.45 -29.31
N SER D 81 7.36 8.10 -28.16
CA SER D 81 6.51 7.62 -27.07
C SER D 81 5.18 8.37 -27.03
N HIS D 82 5.04 9.40 -27.86
CA HIS D 82 3.81 10.21 -27.92
C HIS D 82 2.76 9.56 -28.82
N TYR D 83 1.55 9.44 -28.29
CA TYR D 83 0.46 8.82 -29.02
C TYR D 83 -0.69 9.80 -29.18
N LYS D 84 -1.26 9.86 -30.38
CA LYS D 84 -2.48 10.63 -30.59
C LYS D 84 -3.58 9.72 -31.12
N ILE D 85 -4.65 9.57 -30.34
CA ILE D 85 -5.79 8.76 -30.75
C ILE D 85 -7.01 9.64 -30.94
N THR D 86 -7.57 9.62 -32.13
CA THR D 86 -8.77 10.40 -32.42
C THR D 86 -9.81 9.51 -33.08
N GLY D 87 -11.09 9.76 -32.78
CA GLY D 87 -12.14 8.97 -33.40
C GLY D 87 -13.54 9.22 -32.90
N THR D 88 -14.40 8.21 -33.08
CA THR D 88 -15.78 8.28 -32.65
C THR D 88 -16.12 7.06 -31.78
N ALA D 89 -16.51 7.34 -30.53
CA ALA D 89 -16.91 6.29 -29.60
C ALA D 89 -18.42 6.13 -29.62
N THR D 90 -18.89 4.94 -29.27
CA THR D 90 -20.32 4.69 -29.23
C THR D 90 -20.66 4.20 -27.83
N GLY D 91 -21.94 4.35 -27.45
CA GLY D 91 -22.40 3.90 -26.15
C GLY D 91 -23.91 3.81 -26.13
N VAL D 92 -24.45 3.28 -25.04
CA VAL D 92 -25.91 3.18 -24.92
C VAL D 92 -26.56 4.27 -24.06
N ASP D 93 -27.67 4.82 -24.54
CA ASP D 93 -28.44 5.76 -23.76
C ASP D 93 -29.39 4.93 -22.88
N MET D 94 -29.07 4.88 -21.60
CA MET D 94 -29.82 4.08 -20.64
C MET D 94 -31.30 4.49 -20.58
N ALA D 95 -31.57 5.78 -20.81
CA ALA D 95 -32.93 6.37 -20.73
C ALA D 95 -33.71 6.31 -22.05
N ASN D 96 -32.99 6.39 -23.17
CA ASN D 96 -33.62 6.29 -24.48
C ASN D 96 -32.76 5.43 -25.42
N PRO D 97 -32.92 4.09 -25.37
CA PRO D 97 -32.09 3.15 -26.12
C PRO D 97 -32.47 3.03 -27.60
N MET D 98 -33.31 3.94 -28.09
CA MET D 98 -33.79 3.86 -29.46
C MET D 98 -32.61 3.87 -30.44
N SER D 99 -31.79 4.90 -30.33
CA SER D 99 -30.60 5.03 -31.17
C SER D 99 -29.40 5.25 -30.26
N PRO D 100 -28.24 4.72 -30.65
CA PRO D 100 -27.04 4.81 -29.82
C PRO D 100 -26.49 6.23 -29.71
N VAL D 101 -25.51 6.42 -28.82
CA VAL D 101 -24.89 7.71 -28.61
C VAL D 101 -23.50 7.69 -29.22
N ASN D 102 -23.22 8.62 -30.11
CA ASN D 102 -21.91 8.67 -30.75
C ASN D 102 -21.19 9.99 -30.47
N MLY D 103 -20.12 9.92 -29.69
CA MLY D 103 -19.41 11.14 -29.35
CB MLY D 103 -19.52 11.39 -27.84
CG MLY D 103 -20.96 11.56 -27.34
CD MLY D 103 -21.70 12.58 -28.21
CE MLY D 103 -23.13 12.87 -27.72
NZ MLY D 103 -23.22 13.84 -26.59
CH1 MLY D 103 -24.67 13.94 -26.33
CH2 MLY D 103 -22.67 13.19 -25.39
C MLY D 103 -17.97 11.06 -29.80
O MLY D 103 -17.33 10.03 -29.65
N SER D 104 -17.47 12.14 -30.37
CA SER D 104 -16.09 12.20 -30.85
C SER D 104 -15.12 12.25 -29.68
N PHE D 105 -13.89 11.77 -29.89
CA PHE D 105 -12.89 11.84 -28.82
C PHE D 105 -11.49 12.09 -29.38
N GLU D 106 -10.60 12.57 -28.53
CA GLU D 106 -9.21 12.81 -28.88
C GLU D 106 -8.34 12.44 -27.69
N ILE D 107 -7.37 11.56 -27.87
CA ILE D 107 -6.51 11.19 -26.75
C ILE D 107 -5.05 11.45 -27.09
N GLU D 108 -4.38 12.21 -26.24
CA GLU D 108 -2.96 12.50 -26.43
C GLU D 108 -2.19 12.15 -25.17
N VAL D 109 -1.32 11.13 -25.25
CA VAL D 109 -0.56 10.68 -24.08
C VAL D 109 0.92 10.39 -24.38
N THR D 110 1.74 10.35 -23.32
CA THR D 110 3.16 9.99 -23.41
C THR D 110 3.55 8.77 -22.56
N CYS D 111 4.31 7.85 -23.13
CA CYS D 111 4.67 6.61 -22.41
C CYS D 111 6.15 6.61 -22.00
N GLY E 2 -32.65 -11.01 -13.06
CA GLY E 2 -31.74 -10.00 -12.55
C GLY E 2 -30.35 -10.17 -13.14
N PRO E 3 -29.64 -9.05 -13.33
CA PRO E 3 -28.31 -9.09 -13.96
C PRO E 3 -27.27 -9.66 -13.02
N MLY E 4 -26.43 -10.53 -13.54
CA MLY E 4 -25.34 -11.09 -12.76
CB MLY E 4 -25.53 -12.60 -12.61
CG MLY E 4 -24.54 -13.33 -11.71
CD MLY E 4 -24.93 -14.80 -11.61
CE MLY E 4 -23.87 -15.66 -10.91
NZ MLY E 4 -24.34 -17.07 -10.82
CH1 MLY E 4 -25.59 -17.03 -10.04
CH2 MLY E 4 -23.36 -17.86 -10.06
C MLY E 4 -24.05 -10.77 -13.48
O MLY E 4 -23.94 -10.95 -14.68
N VAL E 5 -23.06 -10.27 -12.74
CA VAL E 5 -21.73 -10.04 -13.28
C VAL E 5 -20.67 -10.64 -12.36
N VAL E 6 -19.86 -11.55 -12.88
CA VAL E 6 -18.80 -12.10 -12.03
C VAL E 6 -17.45 -11.81 -12.64
N ILE E 7 -16.56 -11.19 -11.87
CA ILE E 7 -15.21 -10.94 -12.35
C ILE E 7 -14.21 -11.60 -11.41
N ASP E 8 -13.42 -12.53 -11.97
CA ASP E 8 -12.43 -13.29 -11.21
C ASP E 8 -13.08 -14.05 -10.05
N GLY E 9 -14.24 -14.62 -10.34
CA GLY E 9 -14.97 -15.39 -9.36
C GLY E 9 -15.69 -14.62 -8.26
N MLY E 10 -15.64 -13.29 -8.30
CA MLY E 10 -16.29 -12.49 -7.27
CB MLY E 10 -15.28 -11.54 -6.59
CG MLY E 10 -13.93 -12.16 -6.19
CD MLY E 10 -14.03 -13.17 -5.02
CE MLY E 10 -12.68 -13.88 -4.72
NZ MLY E 10 -11.62 -12.95 -4.20
CH1 MLY E 10 -11.01 -13.47 -2.97
CH2 MLY E 10 -10.56 -12.87 -5.21
C MLY E 10 -17.48 -11.71 -7.87
O MLY E 10 -17.30 -10.87 -8.75
N ASP E 11 -18.70 -12.01 -7.41
CA ASP E 11 -19.92 -11.32 -7.85
C ASP E 11 -19.90 -9.83 -7.48
N GLN E 12 -20.19 -8.98 -8.47
CA GLN E 12 -20.18 -7.54 -8.28
C GLN E 12 -21.44 -7.00 -7.60
N ASN E 13 -22.47 -7.84 -7.51
CA ASN E 13 -23.76 -7.45 -6.96
C ASN E 13 -24.21 -6.14 -7.58
N VAL E 14 -24.27 -6.14 -8.91
CA VAL E 14 -24.68 -4.98 -9.68
C VAL E 14 -26.13 -4.65 -9.38
N THR E 15 -26.42 -3.36 -9.15
CA THR E 15 -27.78 -2.87 -8.93
C THR E 15 -28.25 -2.13 -10.15
N GLY E 16 -27.32 -1.76 -11.01
CA GLY E 16 -27.63 -1.04 -12.23
C GLY E 16 -28.63 -1.79 -13.10
N SER E 17 -29.27 -1.06 -14.00
CA SER E 17 -30.20 -1.64 -14.98
C SER E 17 -29.47 -2.20 -16.22
N VAL E 18 -30.11 -3.09 -16.95
CA VAL E 18 -29.51 -3.60 -18.19
C VAL E 18 -30.22 -2.99 -19.39
N VAL E 19 -29.47 -2.28 -20.23
CA VAL E 19 -30.09 -1.67 -21.41
C VAL E 19 -29.33 -2.05 -22.68
N CYS E 20 -30.07 -2.49 -23.69
CA CYS E 20 -29.47 -2.97 -24.94
C CYS E 20 -29.97 -2.22 -26.16
N THR E 21 -29.09 -1.97 -27.13
CA THR E 21 -29.52 -1.40 -28.41
C THR E 21 -28.83 -2.11 -29.58
N THR E 22 -29.50 -2.11 -30.73
CA THR E 22 -28.98 -2.76 -31.93
C THR E 22 -28.70 -1.75 -33.03
N ALA E 23 -27.49 -1.79 -33.57
CA ALA E 23 -27.13 -0.88 -34.64
C ALA E 23 -25.98 -1.42 -35.47
N ALA E 24 -26.06 -1.24 -36.78
CA ALA E 24 -25.01 -1.68 -37.69
C ALA E 24 -24.67 -3.16 -37.54
N GLY E 25 -25.68 -3.98 -37.27
CA GLY E 25 -25.53 -5.42 -37.11
C GLY E 25 -24.85 -5.88 -35.84
N ASN E 26 -24.87 -5.03 -34.81
CA ASN E 26 -24.32 -5.35 -33.49
C ASN E 26 -25.35 -5.20 -32.39
N VAL E 27 -25.10 -5.88 -31.28
CA VAL E 27 -25.90 -5.70 -30.09
C VAL E 27 -25.06 -4.97 -29.04
N ASN E 28 -25.50 -3.78 -28.65
CA ASN E 28 -24.80 -3.00 -27.64
C ASN E 28 -25.44 -3.19 -26.27
N ILE E 29 -24.70 -3.84 -25.36
CA ILE E 29 -25.20 -4.04 -24.00
C ILE E 29 -24.49 -3.13 -23.03
N ALA E 30 -25.27 -2.49 -22.16
CA ALA E 30 -24.75 -1.61 -21.13
C ALA E 30 -25.37 -1.94 -19.77
N ILE E 31 -24.52 -2.05 -18.75
CA ILE E 31 -24.98 -2.28 -17.39
C ILE E 31 -24.68 -1.12 -16.44
N GLY E 32 -25.71 -0.68 -15.72
CA GLY E 32 -25.58 0.39 -14.74
C GLY E 32 -25.16 1.69 -15.38
N GLY E 33 -24.31 2.45 -14.68
CA GLY E 33 -23.88 3.75 -15.15
C GLY E 33 -22.49 4.10 -14.63
N ALA E 34 -22.32 5.31 -14.12
CA ALA E 34 -21.00 5.79 -13.70
C ALA E 34 -20.37 4.86 -12.67
N ALA E 35 -21.15 4.42 -11.70
CA ALA E 35 -20.63 3.54 -10.65
C ALA E 35 -20.19 2.16 -11.16
N THR E 36 -20.79 1.72 -12.27
CA THR E 36 -20.57 0.38 -12.81
C THR E 36 -19.74 0.39 -14.09
N GLY E 37 -20.19 1.17 -15.06
CA GLY E 37 -19.46 1.33 -16.31
C GLY E 37 -19.16 0.09 -17.12
N ILE E 38 -19.96 -0.96 -16.99
CA ILE E 38 -19.74 -2.18 -17.76
C ILE E 38 -20.50 -2.12 -19.09
N ALA E 39 -19.81 -2.49 -20.18
CA ALA E 39 -20.44 -2.49 -21.50
C ALA E 39 -19.81 -3.58 -22.37
N ALA E 40 -20.57 -4.01 -23.38
CA ALA E 40 -20.10 -5.04 -24.30
C ALA E 40 -20.71 -4.84 -25.69
N VAL E 41 -20.00 -5.36 -26.71
CA VAL E 41 -20.52 -5.36 -28.08
C VAL E 41 -20.51 -6.77 -28.66
N LEU E 42 -21.70 -7.33 -28.90
CA LEU E 42 -21.83 -8.65 -29.51
C LEU E 42 -22.43 -8.50 -30.90
N THR E 43 -22.36 -9.55 -31.70
CA THR E 43 -23.03 -9.52 -32.98
C THR E 43 -24.48 -9.95 -32.81
N ASP E 44 -25.37 -9.39 -33.62
CA ASP E 44 -26.78 -9.75 -33.58
C ASP E 44 -27.07 -11.00 -34.40
N GLY E 45 -26.75 -12.17 -33.87
CA GLY E 45 -27.04 -13.42 -34.56
C GLY E 45 -26.94 -14.56 -33.58
N ASN E 46 -27.14 -15.79 -34.03
CA ASN E 46 -27.03 -16.93 -33.12
C ASN E 46 -26.10 -18.02 -33.67
N PRO E 47 -25.02 -18.32 -32.93
CA PRO E 47 -24.71 -17.64 -31.67
C PRO E 47 -24.04 -16.30 -31.91
N PRO E 48 -24.07 -15.43 -30.89
CA PRO E 48 -23.43 -14.11 -30.96
C PRO E 48 -21.92 -14.21 -30.79
N GLU E 49 -21.19 -13.41 -31.55
CA GLU E 49 -19.75 -13.32 -31.40
C GLU E 49 -19.40 -12.11 -30.54
N VAL E 50 -18.52 -12.33 -29.56
CA VAL E 50 -18.07 -11.28 -28.66
C VAL E 50 -17.01 -10.41 -29.32
N LYS E 51 -17.36 -9.16 -29.63
CA LYS E 51 -16.41 -8.24 -30.27
C LYS E 51 -15.56 -7.50 -29.22
N SER E 52 -16.19 -7.07 -28.13
CA SER E 52 -15.46 -6.44 -27.03
C SER E 52 -16.28 -6.40 -25.74
N VAL E 53 -15.59 -6.42 -24.61
CA VAL E 53 -16.24 -6.27 -23.30
C VAL E 53 -15.42 -5.37 -22.40
N GLY E 54 -16.07 -4.38 -21.79
CA GLY E 54 -15.44 -3.48 -20.85
C GLY E 54 -16.05 -3.67 -19.48
N LEU E 55 -15.23 -4.01 -18.50
CA LEU E 55 -15.72 -4.26 -17.14
C LEU E 55 -15.49 -3.05 -16.21
N GLY E 56 -14.89 -1.99 -16.75
CA GLY E 56 -14.54 -0.84 -15.95
C GLY E 56 -13.34 -1.08 -15.05
N ASN E 57 -13.15 -0.22 -14.06
CA ASN E 57 -11.99 -0.34 -13.18
C ASN E 57 -12.32 -1.12 -11.92
N VAL E 58 -11.81 -2.34 -11.82
CA VAL E 58 -12.10 -3.17 -10.67
C VAL E 58 -10.79 -3.62 -10.00
N ASN E 59 -10.71 -3.42 -8.69
CA ASN E 59 -9.51 -3.72 -7.91
C ASN E 59 -8.24 -3.11 -8.47
N GLY E 60 -8.31 -1.83 -8.85
CA GLY E 60 -7.17 -1.07 -9.32
C GLY E 60 -6.86 -1.25 -10.79
N VAL E 61 -7.56 -2.16 -11.46
CA VAL E 61 -7.30 -2.39 -12.88
C VAL E 61 -8.50 -2.17 -13.79
N THR E 62 -8.29 -1.38 -14.85
CA THR E 62 -9.31 -1.18 -15.89
C THR E 62 -9.26 -2.37 -16.87
N LEU E 63 -10.21 -3.29 -16.69
CA LEU E 63 -10.24 -4.57 -17.40
C LEU E 63 -11.12 -4.54 -18.64
N GLY E 64 -10.66 -5.21 -19.70
CA GLY E 64 -11.46 -5.34 -20.90
C GLY E 64 -10.93 -6.38 -21.88
N TYR E 65 -11.84 -6.89 -22.69
CA TYR E 65 -11.51 -7.84 -23.73
C TYR E 65 -11.68 -7.20 -25.09
N THR E 66 -10.73 -7.46 -25.98
CA THR E 66 -10.80 -6.93 -27.33
C THR E 66 -10.47 -8.05 -28.33
N SER E 67 -11.41 -8.33 -29.22
CA SER E 67 -11.28 -9.41 -30.18
C SER E 67 -10.22 -9.10 -31.22
N GLY E 68 -9.66 -10.15 -31.82
CA GLY E 68 -8.69 -9.99 -32.90
C GLY E 68 -7.40 -9.36 -32.40
N THR E 69 -7.00 -9.72 -31.18
CA THR E 69 -5.79 -9.15 -30.60
C THR E 69 -4.77 -10.20 -30.16
N GLY E 70 -5.25 -11.43 -29.96
CA GLY E 70 -4.39 -12.51 -29.50
C GLY E 70 -4.29 -12.44 -28.00
N GLN E 71 -5.11 -11.58 -27.42
CA GLN E 71 -5.12 -11.39 -25.98
C GLN E 71 -6.47 -11.86 -25.45
N GLY E 72 -6.47 -12.75 -24.48
CA GLY E 72 -7.70 -13.15 -23.84
C GLY E 72 -8.66 -13.90 -24.74
N ASN E 73 -9.86 -14.17 -24.22
CA ASN E 73 -10.87 -14.91 -24.97
C ASN E 73 -12.28 -14.59 -24.46
N ALA E 74 -13.29 -14.84 -25.29
CA ALA E 74 -14.68 -14.61 -24.89
C ALA E 74 -15.63 -15.33 -25.85
N SER E 75 -16.66 -15.95 -25.28
CA SER E 75 -17.69 -16.59 -26.09
C SER E 75 -19.04 -16.22 -25.50
N ALA E 76 -20.08 -16.24 -26.32
CA ALA E 76 -21.39 -15.83 -25.85
C ALA E 76 -22.48 -16.75 -26.35
N THR E 77 -23.57 -16.81 -25.59
CA THR E 77 -24.74 -17.56 -26.02
C THR E 77 -25.96 -16.66 -25.88
N LYS E 78 -26.91 -16.80 -26.80
CA LYS E 78 -28.14 -16.03 -26.80
C LYS E 78 -29.34 -16.98 -26.73
N ASP E 79 -30.18 -16.82 -25.71
CA ASP E 79 -31.39 -17.63 -25.64
C ASP E 79 -32.63 -16.74 -25.55
N GLY E 80 -33.09 -16.28 -26.70
CA GLY E 80 -34.19 -15.33 -26.71
C GLY E 80 -33.62 -14.00 -26.30
N SER E 81 -34.01 -13.54 -25.12
CA SER E 81 -33.50 -12.28 -24.58
C SER E 81 -32.37 -12.45 -23.56
N HIS E 82 -32.09 -13.68 -23.14
CA HIS E 82 -31.02 -13.94 -22.20
C HIS E 82 -29.67 -14.05 -22.89
N TYR E 83 -28.67 -13.37 -22.35
CA TYR E 83 -27.32 -13.42 -22.87
C TYR E 83 -26.41 -13.97 -21.78
N LYS E 84 -25.52 -14.88 -22.14
CA LYS E 84 -24.47 -15.35 -21.25
C LYS E 84 -23.12 -15.08 -21.90
N ILE E 85 -22.30 -14.25 -21.26
CA ILE E 85 -20.97 -13.95 -21.77
C ILE E 85 -19.90 -14.36 -20.77
N THR E 86 -18.98 -15.19 -21.23
CA THR E 86 -17.85 -15.63 -20.43
C THR E 86 -16.56 -15.51 -21.21
N GLY E 87 -15.47 -15.17 -20.53
CA GLY E 87 -14.18 -15.08 -21.16
C GLY E 87 -13.10 -14.55 -20.24
N THR E 88 -12.00 -14.07 -20.84
CA THR E 88 -10.88 -13.59 -20.03
C THR E 88 -10.50 -12.17 -20.47
N ALA E 89 -10.66 -11.22 -19.57
CA ALA E 89 -10.35 -9.82 -19.85
C ALA E 89 -8.97 -9.40 -19.31
N THR E 90 -8.41 -8.36 -19.93
CA THR E 90 -7.09 -7.82 -19.59
C THR E 90 -7.08 -6.31 -19.23
N GLY E 91 -6.03 -5.89 -18.54
CA GLY E 91 -5.85 -4.51 -18.13
C GLY E 91 -4.40 -4.32 -17.75
N VAL E 92 -4.03 -3.08 -17.49
CA VAL E 92 -2.66 -2.71 -17.15
C VAL E 92 -2.50 -2.57 -15.64
N ASP E 93 -1.42 -3.13 -15.11
CA ASP E 93 -1.09 -2.98 -13.70
C ASP E 93 -0.30 -1.68 -13.53
N MET E 94 -0.98 -0.66 -13.02
CA MET E 94 -0.40 0.67 -12.90
C MET E 94 0.86 0.70 -12.03
N ALA E 95 0.90 -0.16 -11.02
CA ALA E 95 1.99 -0.18 -10.06
C ALA E 95 3.17 -1.00 -10.54
N ASN E 96 2.86 -2.05 -11.28
CA ASN E 96 3.90 -2.90 -11.83
C ASN E 96 3.52 -3.25 -13.26
N PRO E 97 3.84 -2.35 -14.20
CA PRO E 97 3.37 -2.59 -15.56
C PRO E 97 4.19 -3.64 -16.30
N MET E 98 5.05 -4.34 -15.60
CA MET E 98 5.92 -5.34 -16.23
C MET E 98 5.11 -6.41 -16.95
N SER E 99 4.11 -6.96 -16.24
CA SER E 99 3.26 -8.00 -16.81
C SER E 99 1.80 -7.64 -16.71
N PRO E 100 1.02 -8.03 -17.74
CA PRO E 100 -0.41 -7.67 -17.81
C PRO E 100 -1.21 -8.38 -16.73
N VAL E 101 -2.46 -7.97 -16.61
CA VAL E 101 -3.37 -8.56 -15.65
C VAL E 101 -4.46 -9.35 -16.37
N ASN E 102 -4.65 -10.61 -16.00
CA ASN E 102 -5.71 -11.38 -16.64
C ASN E 102 -6.71 -11.85 -15.60
N LYS E 103 -7.98 -11.54 -15.82
CA LYS E 103 -9.03 -11.97 -14.89
C LYS E 103 -10.19 -12.58 -15.68
N SER E 104 -10.72 -13.68 -15.18
CA SER E 104 -11.91 -14.29 -15.77
C SER E 104 -13.16 -13.51 -15.44
N PHE E 105 -14.15 -13.57 -16.31
CA PHE E 105 -15.40 -12.88 -16.07
C PHE E 105 -16.62 -13.61 -16.61
N GLU E 106 -17.78 -13.26 -16.07
CA GLU E 106 -19.04 -13.82 -16.51
C GLU E 106 -20.13 -12.77 -16.45
N ILE E 107 -20.83 -12.59 -17.56
CA ILE E 107 -21.94 -11.66 -17.59
C ILE E 107 -23.21 -12.36 -18.03
N GLU E 108 -24.25 -12.26 -17.23
CA GLU E 108 -25.56 -12.82 -17.55
C GLU E 108 -26.62 -11.73 -17.49
N VAL E 109 -27.22 -11.41 -18.64
CA VAL E 109 -28.22 -10.36 -18.64
C VAL E 109 -29.46 -10.73 -19.44
N THR E 110 -30.55 -10.06 -19.12
CA THR E 110 -31.80 -10.19 -19.86
C THR E 110 -32.15 -8.80 -20.36
N CYS E 111 -32.43 -8.64 -21.66
CA CYS E 111 -32.73 -7.31 -22.17
C CYS E 111 -33.54 -7.35 -23.48
N SER E 112 -33.94 -6.18 -23.95
CA SER E 112 -34.78 -6.07 -25.15
C SER E 112 -33.92 -5.71 -26.35
N THR E 113 -34.24 -6.28 -27.50
CA THR E 113 -33.45 -6.03 -28.70
C THR E 113 -33.86 -4.70 -29.37
N HIS E 114 -35.16 -4.46 -29.53
CA HIS E 114 -35.62 -3.15 -30.00
C HIS E 114 -36.93 -2.73 -29.33
N HIS E 115 -37.12 -1.42 -29.19
CA HIS E 115 -38.23 -0.82 -28.45
C HIS E 115 -38.65 0.46 -29.21
N HIS E 116 -39.93 0.57 -29.58
CA HIS E 116 -40.41 1.70 -30.39
C HIS E 116 -41.27 2.64 -29.55
N SER F 1 29.90 10.77 14.32
CA SER F 1 29.91 12.06 15.02
C SER F 1 29.39 13.18 14.11
N GLY F 2 28.85 12.79 12.96
CA GLY F 2 28.26 13.71 12.00
C GLY F 2 27.56 12.86 10.97
N PRO F 3 26.42 13.34 10.44
CA PRO F 3 25.69 12.49 9.50
C PRO F 3 26.33 12.46 8.11
N LYS F 4 26.46 11.26 7.55
CA LYS F 4 27.03 11.07 6.21
C LYS F 4 26.17 10.09 5.42
N VAL F 5 25.70 10.51 4.25
CA VAL F 5 24.91 9.63 3.38
C VAL F 5 25.53 9.52 2.00
N VAL F 6 25.83 8.31 1.57
CA VAL F 6 26.41 8.09 0.25
C VAL F 6 25.52 7.21 -0.60
N ILE F 7 25.15 7.69 -1.79
CA ILE F 7 24.36 6.87 -2.70
C ILE F 7 25.07 6.66 -4.03
N ASP F 8 25.30 5.39 -4.36
CA ASP F 8 26.02 5.01 -5.56
C ASP F 8 27.40 5.65 -5.58
N GLY F 9 28.07 5.62 -4.43
CA GLY F 9 29.43 6.11 -4.31
C GLY F 9 29.55 7.62 -4.36
N LYS F 10 28.41 8.32 -4.39
CA LYS F 10 28.41 9.78 -4.43
C LYS F 10 27.86 10.35 -3.12
N ASP F 11 28.64 11.19 -2.45
CA ASP F 11 28.24 11.76 -1.17
C ASP F 11 27.11 12.76 -1.38
N GLN F 12 26.04 12.61 -0.62
CA GLN F 12 24.86 13.48 -0.74
C GLN F 12 25.05 14.81 -0.03
N ASN F 13 26.07 14.88 0.82
CA ASN F 13 26.32 16.06 1.64
C ASN F 13 25.07 16.56 2.38
N VAL F 14 24.43 15.65 3.11
CA VAL F 14 23.26 15.99 3.90
C VAL F 14 23.69 16.87 5.06
N THR F 15 22.96 17.96 5.30
CA THR F 15 23.32 18.85 6.40
C THR F 15 22.36 18.69 7.59
N GLY F 16 21.22 18.10 7.33
CA GLY F 16 20.17 17.98 8.32
C GLY F 16 20.60 17.38 9.65
N SER F 17 19.77 17.59 10.66
CA SER F 17 20.02 17.02 11.97
C SER F 17 19.55 15.56 12.02
N VAL F 18 20.08 14.81 12.97
CA VAL F 18 19.75 13.42 13.14
C VAL F 18 18.81 13.23 14.34
N VAL F 19 17.65 12.59 14.10
CA VAL F 19 16.71 12.34 15.19
C VAL F 19 16.37 10.84 15.30
N CYS F 20 16.52 10.30 16.50
CA CYS F 20 16.30 8.88 16.75
C CYS F 20 15.24 8.66 17.83
N THR F 21 14.36 7.70 17.62
CA THR F 21 13.42 7.28 18.66
C THR F 21 13.27 5.76 18.68
N THR F 22 12.99 5.19 19.84
CA THR F 22 12.84 3.73 19.91
C THR F 22 11.43 3.32 20.31
N ALA F 23 10.83 2.44 19.51
CA ALA F 23 9.48 1.97 19.74
C ALA F 23 9.21 0.64 19.07
N ALA F 24 8.45 -0.21 19.76
CA ALA F 24 8.01 -1.51 19.24
C ALA F 24 9.19 -2.37 18.78
N GLY F 25 10.29 -2.27 19.52
CA GLY F 25 11.48 -3.04 19.20
C GLY F 25 12.22 -2.58 17.96
N ASN F 26 12.02 -1.32 17.59
CA ASN F 26 12.76 -0.76 16.47
C ASN F 26 13.50 0.51 16.87
N VAL F 27 14.54 0.83 16.12
CA VAL F 27 15.24 2.10 16.25
C VAL F 27 14.93 2.91 15.01
N ASN F 28 14.27 4.04 15.17
CA ASN F 28 13.90 4.87 14.03
C ASN F 28 14.87 6.02 13.84
N ILE F 29 15.65 5.98 12.76
CA ILE F 29 16.59 7.06 12.50
C ILE F 29 16.14 7.93 11.33
N ALA F 30 16.21 9.25 11.54
CA ALA F 30 15.82 10.23 10.54
C ALA F 30 16.90 11.28 10.38
N ILE F 31 17.33 11.48 9.14
CA ILE F 31 18.37 12.44 8.80
C ILE F 31 17.71 13.55 8.01
N GLY F 32 18.13 14.79 8.29
CA GLY F 32 17.48 15.94 7.69
C GLY F 32 16.10 15.93 8.32
N GLY F 33 15.06 15.72 7.54
CA GLY F 33 13.73 15.77 8.08
C GLY F 33 12.79 15.88 6.91
N ALA F 34 11.88 16.85 6.96
CA ALA F 34 10.93 17.01 5.88
C ALA F 34 11.72 17.22 4.59
N ALA F 35 12.73 18.08 4.63
CA ALA F 35 13.48 18.44 3.43
C ALA F 35 14.24 17.27 2.85
N THR F 36 14.69 16.37 3.73
CA THR F 36 15.48 15.21 3.34
C THR F 36 14.68 13.94 3.56
N GLY F 37 14.16 13.34 2.51
CA GLY F 37 13.38 12.13 2.71
C GLY F 37 14.19 10.91 3.12
N ILE F 38 15.36 11.12 3.74
CA ILE F 38 16.20 10.00 4.17
C ILE F 38 15.95 9.51 5.59
N ALA F 39 15.66 8.23 5.74
CA ALA F 39 15.37 7.61 7.04
C ALA F 39 15.69 6.10 7.05
N ALA F 40 15.79 5.53 8.24
CA ALA F 40 15.99 4.09 8.36
C ALA F 40 15.32 3.54 9.61
N VAL F 41 14.93 2.27 9.56
CA VAL F 41 14.36 1.59 10.72
C VAL F 41 15.19 0.35 11.00
N LEU F 42 15.83 0.35 12.14
CA LEU F 42 16.64 -0.78 12.55
C LEU F 42 15.98 -1.44 13.75
N THR F 43 16.44 -2.64 14.06
CA THR F 43 16.01 -3.36 15.25
C THR F 43 16.86 -2.90 16.43
N ASP F 44 16.29 -2.88 17.63
CA ASP F 44 17.04 -2.47 18.80
C ASP F 44 17.87 -3.63 19.36
N GLY F 45 18.18 -4.59 18.51
CA GLY F 45 18.91 -5.77 18.91
C GLY F 45 20.40 -5.75 18.69
N ASN F 46 21.01 -6.92 18.93
CA ASN F 46 22.42 -7.12 18.65
C ASN F 46 22.62 -8.31 17.74
N PRO F 47 23.08 -8.07 16.51
CA PRO F 47 23.34 -6.78 15.88
C PRO F 47 22.01 -6.26 15.37
N PRO F 48 21.94 -4.97 15.03
CA PRO F 48 20.66 -4.49 14.53
C PRO F 48 20.39 -5.03 13.13
N GLU F 49 19.14 -5.40 12.87
CA GLU F 49 18.72 -5.83 11.55
C GLU F 49 18.08 -4.66 10.82
N VAL F 50 18.41 -4.49 9.55
CA VAL F 50 17.79 -3.43 8.79
C VAL F 50 16.36 -3.81 8.42
N MLY F 51 15.39 -3.05 8.91
CA MLY F 51 14.00 -3.29 8.54
CB MLY F 51 13.06 -2.92 9.67
CG MLY F 51 13.08 -3.91 10.81
CD MLY F 51 12.64 -5.27 10.33
CE MLY F 51 12.63 -6.33 11.43
NZ MLY F 51 12.29 -7.69 10.89
CH1 MLY F 51 13.09 -7.89 9.67
CH2 MLY F 51 12.78 -8.65 11.89
C MLY F 51 13.66 -2.55 7.24
O MLY F 51 13.02 -3.11 6.35
N SER F 52 14.13 -1.31 7.14
CA SER F 52 13.88 -0.51 5.94
C SER F 52 14.77 0.71 5.92
N VAL F 53 15.07 1.19 4.72
CA VAL F 53 15.86 2.39 4.55
C VAL F 53 15.22 3.24 3.47
N GLY F 54 15.01 4.52 3.74
CA GLY F 54 14.43 5.40 2.75
C GLY F 54 15.42 6.46 2.31
N LEU F 55 15.75 6.47 1.02
CA LEU F 55 16.72 7.43 0.50
C LEU F 55 15.99 8.59 -0.14
N GLY F 56 14.67 8.57 0.01
CA GLY F 56 13.84 9.59 -0.60
C GLY F 56 13.71 9.34 -2.08
N ASN F 57 13.34 10.40 -2.78
CA ASN F 57 13.14 10.34 -4.22
C ASN F 57 14.46 10.75 -4.87
N VAL F 58 15.09 9.80 -5.58
CA VAL F 58 16.39 10.06 -6.18
C VAL F 58 16.33 9.96 -7.70
N ASN F 59 16.67 11.06 -8.37
CA ASN F 59 16.59 11.18 -9.83
C ASN F 59 15.27 10.63 -10.39
N GLY F 60 14.17 11.00 -9.75
CA GLY F 60 12.84 10.64 -10.22
C GLY F 60 12.40 9.27 -9.75
N VAL F 61 13.28 8.57 -9.06
CA VAL F 61 13.01 7.22 -8.61
C VAL F 61 12.99 7.14 -7.09
N THR F 62 11.98 6.49 -6.55
CA THR F 62 11.91 6.28 -5.11
C THR F 62 12.82 5.13 -4.67
N LEU F 63 13.99 5.46 -4.13
CA LEU F 63 14.96 4.44 -3.71
C LEU F 63 14.80 4.13 -2.25
N GLY F 64 14.85 2.84 -1.93
CA GLY F 64 14.76 2.40 -0.56
C GLY F 64 14.98 0.91 -0.45
N TYR F 65 15.34 0.45 0.75
CA TYR F 65 15.44 -0.97 0.99
C TYR F 65 14.34 -1.37 1.95
N THR F 66 13.73 -2.52 1.71
CA THR F 66 12.73 -3.02 2.63
C THR F 66 12.91 -4.52 2.84
N SER F 67 13.12 -4.95 4.08
CA SER F 67 13.37 -6.36 4.30
C SER F 67 12.09 -7.15 4.00
N GLY F 68 12.27 -8.41 3.63
CA GLY F 68 11.19 -9.33 3.33
C GLY F 68 10.40 -9.05 2.07
N THR F 69 11.08 -8.47 1.08
CA THR F 69 10.41 -8.14 -0.18
C THR F 69 11.05 -8.81 -1.39
N GLY F 70 12.29 -9.25 -1.24
CA GLY F 70 12.91 -9.89 -2.38
C GLY F 70 13.66 -8.97 -3.32
N GLN F 71 13.79 -7.69 -3.02
CA GLN F 71 14.78 -6.97 -3.79
C GLN F 71 15.70 -6.22 -2.80
N GLY F 72 16.91 -5.91 -3.23
CA GLY F 72 17.91 -5.20 -2.45
C GLY F 72 18.53 -5.96 -1.27
N ASN F 73 19.37 -5.28 -0.48
CA ASN F 73 19.95 -5.88 0.72
C ASN F 73 20.47 -4.79 1.64
N ALA F 74 20.58 -5.10 2.94
CA ALA F 74 21.09 -4.12 3.90
C ALA F 74 21.48 -4.75 5.22
N SER F 75 22.63 -4.31 5.73
CA SER F 75 23.15 -4.75 7.01
C SER F 75 23.55 -3.53 7.78
N ALA F 76 23.53 -3.60 9.10
CA ALA F 76 23.88 -2.44 9.90
C ALA F 76 24.73 -2.87 11.10
N THR F 77 25.57 -1.96 11.57
CA THR F 77 26.38 -2.22 12.74
C THR F 77 26.23 -1.12 13.77
N LYS F 78 26.33 -1.49 15.03
CA LYS F 78 26.15 -0.55 16.13
C LYS F 78 27.41 -0.49 16.99
N ASP F 79 27.99 0.70 17.11
CA ASP F 79 29.11 0.93 18.01
C ASP F 79 28.72 2.05 18.97
N GLY F 80 28.03 1.69 20.04
CA GLY F 80 27.49 2.66 20.98
C GLY F 80 26.25 3.29 20.37
N SER F 81 26.33 4.60 20.10
CA SER F 81 25.22 5.34 19.50
C SER F 81 25.44 5.52 18.00
N HIS F 82 26.61 5.11 17.52
CA HIS F 82 26.94 5.23 16.10
C HIS F 82 26.32 4.06 15.35
N TYR F 83 25.67 4.34 14.24
CA TYR F 83 25.08 3.30 13.40
C TYR F 83 25.66 3.40 11.99
N MLY F 84 26.10 2.27 11.45
CA MLY F 84 26.52 2.23 10.06
CB MLY F 84 28.01 1.91 9.94
CG MLY F 84 28.54 1.97 8.53
CD MLY F 84 30.06 1.76 8.47
CE MLY F 84 30.50 1.34 7.07
NZ MLY F 84 31.99 1.18 6.94
CH1 MLY F 84 32.61 2.18 7.83
CH2 MLY F 84 32.32 -0.17 7.42
C MLY F 84 25.67 1.23 9.28
O MLY F 84 25.62 0.04 9.61
N ILE F 85 24.95 1.73 8.27
CA ILE F 85 24.05 0.93 7.48
C ILE F 85 24.52 0.94 6.04
N THR F 86 24.79 -0.23 5.51
CA THR F 86 25.26 -0.36 4.13
C THR F 86 24.43 -1.40 3.38
N GLY F 87 24.23 -1.17 2.10
CA GLY F 87 23.47 -2.11 1.30
C GLY F 87 23.17 -1.62 -0.10
N THR F 88 22.11 -2.19 -0.67
CA THR F 88 21.70 -1.84 -2.02
C THR F 88 20.23 -1.47 -1.99
N ALA F 89 19.91 -0.23 -2.37
CA ALA F 89 18.52 0.18 -2.40
C ALA F 89 17.96 0.00 -3.80
N THR F 90 16.66 -0.25 -3.84
CA THR F 90 15.97 -0.53 -5.08
C THR F 90 14.78 0.38 -5.36
N GLY F 91 14.41 0.53 -6.63
CA GLY F 91 13.20 1.26 -6.97
C GLY F 91 12.74 1.05 -8.39
N VAL F 92 11.51 1.48 -8.69
CA VAL F 92 10.99 1.34 -10.05
C VAL F 92 11.05 2.70 -10.74
N ASP F 93 11.60 2.74 -11.95
CA ASP F 93 11.59 3.98 -12.72
C ASP F 93 10.33 4.01 -13.58
N MET F 94 9.33 4.76 -13.15
CA MET F 94 8.06 4.85 -13.88
C MET F 94 8.18 5.39 -15.30
N ALA F 95 9.27 6.10 -15.60
CA ALA F 95 9.41 6.67 -16.93
C ALA F 95 9.91 5.60 -17.90
N ASN F 96 10.78 4.72 -17.39
CA ASN F 96 11.26 3.59 -18.18
C ASN F 96 11.35 2.35 -17.28
N PRO F 97 10.21 1.68 -17.06
CA PRO F 97 10.10 0.54 -16.14
C PRO F 97 10.60 -0.77 -16.72
N MET F 98 11.31 -0.73 -17.85
CA MET F 98 11.78 -1.95 -18.50
C MET F 98 12.64 -2.75 -17.55
N SER F 99 13.66 -2.10 -16.98
CA SER F 99 14.53 -2.74 -16.01
C SER F 99 14.63 -1.89 -14.76
N PRO F 100 14.71 -2.55 -13.59
CA PRO F 100 14.74 -1.92 -12.27
C PRO F 100 16.01 -1.11 -12.01
N VAL F 101 16.00 -0.38 -10.90
CA VAL F 101 17.12 0.45 -10.49
C VAL F 101 17.84 -0.10 -9.27
N ASN F 102 19.15 -0.28 -9.37
CA ASN F 102 19.92 -0.74 -8.23
C ASN F 102 21.01 0.25 -7.90
N LYS F 103 21.03 0.74 -6.66
CA LYS F 103 22.06 1.68 -6.24
C LYS F 103 22.63 1.28 -4.88
N SER F 104 23.96 1.37 -4.75
CA SER F 104 24.60 1.14 -3.47
C SER F 104 24.40 2.34 -2.57
N PHE F 105 24.38 2.12 -1.27
CA PHE F 105 24.26 3.24 -0.36
C PHE F 105 24.99 3.00 0.96
N GLU F 106 25.35 4.09 1.63
CA GLU F 106 25.98 4.01 2.93
C GLU F 106 25.49 5.14 3.83
N ILE F 107 25.01 4.78 5.01
CA ILE F 107 24.52 5.76 5.95
C ILE F 107 25.28 5.67 7.27
N GLU F 108 25.82 6.80 7.71
CA GLU F 108 26.53 6.83 8.97
C GLU F 108 25.95 7.91 9.85
N VAL F 109 25.34 7.52 10.97
CA VAL F 109 24.76 8.52 11.86
C VAL F 109 25.10 8.23 13.31
N THR F 110 25.05 9.28 14.13
CA THR F 110 25.22 9.19 15.57
C THR F 110 23.98 9.77 16.22
N CYS F 111 23.43 9.09 17.21
CA CYS F 111 22.18 9.57 17.79
C CYS F 111 22.40 10.41 19.04
N SER F 112 23.65 10.84 19.25
CA SER F 112 23.98 11.61 20.45
C SER F 112 24.06 13.10 20.15
N THR F 113 24.99 13.79 20.81
CA THR F 113 25.16 15.23 20.63
C THR F 113 26.42 15.74 21.34
N GLY G 2 4.99 -29.44 -13.22
CA GLY G 2 6.37 -29.70 -12.82
C GLY G 2 7.02 -28.55 -12.07
N PRO G 3 7.95 -28.87 -11.16
CA PRO G 3 8.68 -27.90 -10.34
C PRO G 3 9.70 -27.14 -11.17
N LYS G 4 9.82 -25.84 -10.93
CA LYS G 4 10.73 -25.02 -11.71
C LYS G 4 11.66 -24.26 -10.78
N VAL G 5 12.95 -24.48 -10.94
CA VAL G 5 13.96 -23.78 -10.17
C VAL G 5 14.93 -23.05 -11.07
N VAL G 6 15.04 -21.73 -10.90
CA VAL G 6 15.98 -20.96 -11.69
C VAL G 6 16.98 -20.30 -10.76
N ILE G 7 18.25 -20.51 -11.03
CA ILE G 7 19.34 -19.91 -10.27
C ILE G 7 20.20 -19.10 -11.22
N ASP G 8 20.33 -17.82 -10.92
CA ASP G 8 21.09 -16.90 -11.74
C ASP G 8 20.59 -16.96 -13.17
N GLY G 9 19.26 -16.97 -13.33
CA GLY G 9 18.65 -16.92 -14.64
C GLY G 9 18.78 -18.19 -15.45
N MLY G 10 19.35 -19.21 -14.82
CA MLY G 10 19.57 -20.48 -15.49
CB MLY G 10 21.07 -20.78 -15.56
CG MLY G 10 21.86 -19.62 -16.24
CD MLY G 10 23.33 -19.98 -16.51
CE MLY G 10 24.05 -18.84 -17.26
NZ MLY G 10 25.48 -19.17 -17.58
CH1 MLY G 10 26.12 -19.64 -16.34
CH2 MLY G 10 25.51 -20.27 -18.57
C MLY G 10 18.76 -21.61 -14.86
O MLY G 10 18.80 -21.84 -13.64
N ASP G 11 18.01 -22.31 -15.71
CA ASP G 11 17.08 -23.35 -15.32
C ASP G 11 17.81 -24.62 -14.88
N GLN G 12 17.47 -25.12 -13.69
CA GLN G 12 18.12 -26.30 -13.12
C GLN G 12 17.60 -27.63 -13.65
N ASN G 13 16.46 -27.59 -14.33
CA ASN G 13 15.82 -28.82 -14.81
C ASN G 13 15.72 -29.88 -13.72
N VAL G 14 15.14 -29.52 -12.59
CA VAL G 14 15.00 -30.43 -11.47
C VAL G 14 14.04 -31.56 -11.85
N THR G 15 14.40 -32.79 -11.54
CA THR G 15 13.47 -33.88 -11.84
C THR G 15 12.82 -34.44 -10.58
N GLY G 16 13.44 -34.19 -9.43
CA GLY G 16 12.93 -34.69 -8.17
C GLY G 16 11.51 -34.24 -7.92
N SER G 17 10.81 -35.00 -7.08
CA SER G 17 9.46 -34.66 -6.70
C SER G 17 9.45 -33.61 -5.56
N VAL G 18 8.33 -32.91 -5.41
CA VAL G 18 8.21 -31.88 -4.38
C VAL G 18 7.32 -32.34 -3.22
N VAL G 19 7.87 -32.30 -2.02
CA VAL G 19 7.16 -32.71 -0.80
C VAL G 19 7.21 -31.66 0.31
N CYS G 20 6.06 -31.36 0.90
CA CYS G 20 5.94 -30.33 1.98
C CYS G 20 5.35 -30.90 3.25
N THR G 21 5.81 -30.41 4.40
CA THR G 21 5.16 -30.77 5.65
C THR G 21 5.04 -29.54 6.55
N THR G 22 4.05 -29.58 7.44
CA THR G 22 3.78 -28.45 8.31
C THR G 22 4.12 -28.73 9.75
N ALA G 23 4.87 -27.81 10.35
CA ALA G 23 5.21 -27.90 11.76
C ALA G 23 5.58 -26.54 12.35
N ALA G 24 5.12 -26.30 13.57
CA ALA G 24 5.42 -25.08 14.32
C ALA G 24 5.06 -23.84 13.54
N GLY G 25 3.97 -23.91 12.77
CA GLY G 25 3.52 -22.75 12.02
C GLY G 25 4.47 -22.41 10.89
N ASN G 26 5.20 -23.41 10.41
CA ASN G 26 6.08 -23.24 9.27
C ASN G 26 5.75 -24.24 8.18
N VAL G 27 6.12 -23.91 6.94
CA VAL G 27 6.03 -24.87 5.85
C VAL G 27 7.42 -25.28 5.42
N ASN G 28 7.74 -26.56 5.57
CA ASN G 28 9.04 -27.07 5.15
C ASN G 28 8.85 -27.67 3.76
N ILE G 29 9.50 -27.04 2.78
CA ILE G 29 9.45 -27.51 1.40
C ILE G 29 10.73 -28.21 0.98
N ALA G 30 10.60 -29.35 0.32
CA ALA G 30 11.77 -30.07 -0.15
C ALA G 30 11.56 -30.44 -1.60
N ILE G 31 12.57 -30.14 -2.42
CA ILE G 31 12.57 -30.49 -3.83
C ILE G 31 13.64 -31.53 -4.13
N GLY G 32 13.26 -32.56 -4.87
CA GLY G 32 14.19 -33.60 -5.28
C GLY G 32 14.79 -34.33 -4.10
N GLY G 33 16.07 -34.68 -4.22
CA GLY G 33 16.75 -35.47 -3.20
C GLY G 33 18.19 -35.05 -3.21
N ALA G 34 19.13 -35.99 -3.12
CA ALA G 34 20.54 -35.63 -2.98
C ALA G 34 21.03 -34.77 -4.14
N ALA G 35 20.68 -35.18 -5.35
CA ALA G 35 21.15 -34.51 -6.56
C ALA G 35 20.67 -33.07 -6.62
N THR G 36 19.59 -32.77 -5.90
CA THR G 36 18.99 -31.45 -5.90
C THR G 36 19.30 -30.76 -4.58
N GLY G 37 18.94 -31.42 -3.48
CA GLY G 37 19.20 -30.91 -2.15
C GLY G 37 18.65 -29.52 -1.87
N ILE G 38 17.59 -29.15 -2.58
CA ILE G 38 16.94 -27.86 -2.42
C ILE G 38 15.83 -27.90 -1.38
N ALA G 39 15.83 -26.92 -0.48
CA ALA G 39 14.83 -26.88 0.58
C ALA G 39 14.51 -25.43 0.96
N ALA G 40 13.33 -25.23 1.54
CA ALA G 40 12.94 -23.91 1.97
C ALA G 40 12.05 -23.95 3.20
N VAL G 41 12.10 -22.88 3.99
CA VAL G 41 11.21 -22.75 5.13
C VAL G 41 10.43 -21.44 5.04
N LEU G 42 9.12 -21.57 4.88
CA LEU G 42 8.23 -20.43 4.83
C LEU G 42 7.35 -20.43 6.06
N THR G 43 6.63 -19.34 6.28
CA THR G 43 5.65 -19.35 7.33
C THR G 43 4.41 -20.06 6.77
N ASP G 44 3.67 -20.67 7.67
CA ASP G 44 2.48 -21.41 7.30
C ASP G 44 1.34 -20.44 6.97
N GLY G 45 0.77 -20.58 5.77
CA GLY G 45 -0.36 -19.73 5.41
C GLY G 45 -0.12 -18.57 4.45
N ASN G 46 -1.07 -17.65 4.48
CA ASN G 46 -1.06 -16.38 3.75
C ASN G 46 -1.22 -15.24 4.74
N PRO G 47 -0.40 -14.21 4.59
CA PRO G 47 0.64 -14.21 3.55
C PRO G 47 1.91 -14.91 4.03
N PRO G 48 2.68 -15.51 3.11
CA PRO G 48 3.91 -16.23 3.46
C PRO G 48 5.16 -15.39 3.61
N GLU G 49 5.87 -15.59 4.71
CA GLU G 49 7.18 -15.01 4.92
C GLU G 49 8.25 -16.08 4.63
N VAL G 50 9.28 -15.74 3.87
CA VAL G 50 10.38 -16.64 3.58
C VAL G 50 11.40 -16.62 4.72
N MLY G 51 11.47 -17.69 5.50
CA MLY G 51 12.40 -17.79 6.61
CB MLY G 51 11.86 -18.72 7.68
CG MLY G 51 10.77 -18.11 8.53
CD MLY G 51 11.30 -16.92 9.30
CE MLY G 51 10.27 -16.39 10.28
NZ MLY G 51 10.54 -14.99 10.71
CH1 MLY G 51 11.64 -14.46 9.89
CH2 MLY G 51 9.34 -14.23 10.30
C MLY G 51 13.80 -18.25 6.21
O MLY G 51 14.79 -17.90 6.85
N SER G 52 13.88 -19.06 5.15
CA SER G 52 15.17 -19.53 4.63
C SER G 52 15.00 -20.36 3.37
N VAL G 53 16.00 -20.32 2.50
CA VAL G 53 16.04 -21.14 1.30
C VAL G 53 17.41 -21.74 1.07
N GLY G 54 17.44 -23.05 0.86
CA GLY G 54 18.68 -23.74 0.57
C GLY G 54 18.69 -24.26 -0.85
N LEU G 55 19.66 -23.82 -1.63
CA LEU G 55 19.76 -24.23 -3.02
C LEU G 55 20.83 -25.32 -3.24
N GLY G 56 21.48 -25.76 -2.17
CA GLY G 56 22.53 -26.75 -2.32
C GLY G 56 23.81 -26.19 -2.95
N ASN G 57 24.64 -27.08 -3.48
CA ASN G 57 25.87 -26.60 -4.10
C ASN G 57 25.68 -26.43 -5.60
N VAL G 58 25.72 -25.18 -6.06
CA VAL G 58 25.57 -24.90 -7.49
C VAL G 58 26.82 -24.21 -7.99
N ASN G 59 27.44 -24.79 -9.01
CA ASN G 59 28.71 -24.32 -9.54
C ASN G 59 29.72 -24.08 -8.46
N GLY G 60 29.80 -25.02 -7.54
CA GLY G 60 30.82 -25.04 -6.51
C GLY G 60 30.52 -24.27 -5.27
N VAL G 61 29.38 -23.59 -5.23
CA VAL G 61 29.04 -22.75 -4.10
C VAL G 61 27.79 -23.29 -3.41
N THR G 62 27.89 -23.50 -2.10
CA THR G 62 26.73 -23.90 -1.35
C THR G 62 25.92 -22.61 -1.09
N LEU G 63 24.87 -22.44 -1.87
CA LEU G 63 24.07 -21.23 -1.89
C LEU G 63 22.88 -21.30 -0.96
N GLY G 64 22.54 -20.18 -0.32
CA GLY G 64 21.34 -20.14 0.49
C GLY G 64 20.92 -18.75 0.97
N TYR G 65 19.64 -18.61 1.27
CA TYR G 65 19.14 -17.39 1.85
C TYR G 65 18.70 -17.61 3.30
N THR G 66 19.02 -16.66 4.17
CA THR G 66 18.64 -16.70 5.57
C THR G 66 18.04 -15.36 6.00
N SER G 67 16.81 -15.38 6.48
CA SER G 67 16.15 -14.13 6.83
C SER G 67 16.83 -13.46 8.01
N GLY G 68 16.70 -12.14 8.10
CA GLY G 68 17.23 -11.37 9.20
C GLY G 68 18.73 -11.30 9.34
N THR G 69 19.43 -11.28 8.21
CA THR G 69 20.89 -11.23 8.26
C THR G 69 21.50 -10.05 7.51
N GLY G 70 20.78 -9.50 6.54
CA GLY G 70 21.36 -8.40 5.80
C GLY G 70 22.18 -8.79 4.59
N GLN G 71 22.07 -10.07 4.25
CA GLN G 71 22.67 -10.62 3.05
C GLN G 71 21.49 -11.03 2.22
N GLY G 72 21.41 -10.59 0.97
CA GLY G 72 20.32 -11.09 0.15
C GLY G 72 18.91 -10.69 0.56
N ASN G 73 17.95 -11.30 -0.12
CA ASN G 73 16.53 -11.02 0.05
C ASN G 73 15.61 -12.15 -0.41
N ALA G 74 14.36 -12.16 0.03
CA ALA G 74 13.42 -13.17 -0.45
C ALA G 74 11.94 -12.84 -0.15
N SER G 75 11.09 -13.09 -1.14
CA SER G 75 9.66 -12.98 -0.93
C SER G 75 9.02 -14.18 -1.61
N ALA G 76 7.85 -14.57 -1.10
CA ALA G 76 7.13 -15.72 -1.63
C ALA G 76 5.63 -15.45 -1.65
N THR G 77 4.91 -16.08 -2.57
CA THR G 77 3.45 -15.99 -2.58
C THR G 77 2.83 -17.41 -2.64
N LYS G 78 1.69 -17.59 -1.97
CA LYS G 78 1.01 -18.87 -1.96
C LYS G 78 -0.39 -18.71 -2.55
N ASP G 79 -0.64 -19.39 -3.66
CA ASP G 79 -1.93 -19.36 -4.32
C ASP G 79 -2.49 -20.76 -4.35
N GLY G 80 -3.13 -21.13 -3.25
CA GLY G 80 -3.60 -22.48 -3.03
C GLY G 80 -2.41 -23.33 -2.66
N SER G 81 -2.08 -24.26 -3.53
CA SER G 81 -0.96 -25.16 -3.31
C SER G 81 0.29 -24.71 -4.05
N HIS G 82 0.13 -23.69 -4.89
CA HIS G 82 1.22 -23.15 -5.70
C HIS G 82 2.05 -22.14 -4.92
N TYR G 83 3.37 -22.29 -4.97
CA TYR G 83 4.30 -21.38 -4.30
C TYR G 83 5.24 -20.73 -5.30
N LYS G 84 5.46 -19.43 -5.15
CA LYS G 84 6.51 -18.76 -5.92
C LYS G 84 7.46 -18.07 -4.97
N ILE G 85 8.73 -18.47 -5.01
CA ILE G 85 9.75 -17.84 -4.18
C ILE G 85 10.80 -17.17 -5.04
N THR G 86 11.06 -15.91 -4.76
CA THR G 86 12.08 -15.20 -5.51
C THR G 86 12.98 -14.47 -4.54
N GLY G 87 14.25 -14.39 -4.88
CA GLY G 87 15.19 -13.65 -4.05
C GLY G 87 16.63 -13.81 -4.47
N THR G 88 17.51 -13.55 -3.51
CA THR G 88 18.93 -13.64 -3.70
C THR G 88 19.56 -14.48 -2.61
N ALA G 89 20.19 -15.57 -3.04
CA ALA G 89 20.90 -16.45 -2.11
C ALA G 89 22.37 -16.06 -2.13
N THR G 90 23.01 -16.30 -0.99
CA THR G 90 24.41 -15.97 -0.79
C THR G 90 25.24 -17.23 -0.44
N GLY G 91 26.55 -17.16 -0.69
CA GLY G 91 27.40 -18.28 -0.35
C GLY G 91 28.87 -17.92 -0.39
N VAL G 92 29.70 -18.87 0.01
CA VAL G 92 31.14 -18.71 0.03
C VAL G 92 31.84 -19.27 -1.21
N ASP G 93 32.75 -18.48 -1.75
CA ASP G 93 33.66 -18.93 -2.80
C ASP G 93 34.88 -19.57 -2.16
N MET G 94 34.90 -20.89 -2.18
CA MET G 94 35.94 -21.69 -1.53
C MET G 94 37.36 -21.34 -1.99
N ALA G 95 37.49 -20.94 -3.25
CA ALA G 95 38.78 -20.60 -3.84
C ALA G 95 39.16 -19.16 -3.55
N ASN G 96 38.17 -18.28 -3.53
CA ASN G 96 38.45 -16.87 -3.28
C ASN G 96 37.43 -16.28 -2.30
N PRO G 97 37.70 -16.44 -1.00
CA PRO G 97 36.78 -16.08 0.09
C PRO G 97 36.72 -14.60 0.44
N MET G 98 37.30 -13.71 -0.37
CA MET G 98 37.33 -12.29 -0.05
C MET G 98 35.93 -11.69 0.10
N SER G 99 35.12 -11.88 -0.94
CA SER G 99 33.75 -11.38 -0.96
C SER G 99 32.76 -12.48 -1.29
N PRO G 100 31.59 -12.44 -0.66
CA PRO G 100 30.59 -13.50 -0.84
C PRO G 100 30.05 -13.57 -2.26
N VAL G 101 29.32 -14.65 -2.51
CA VAL G 101 28.74 -14.94 -3.80
C VAL G 101 27.25 -14.71 -3.69
N ASN G 102 26.71 -13.91 -4.60
CA ASN G 102 25.29 -13.64 -4.59
C ASN G 102 24.63 -14.12 -5.87
N MLY G 103 23.57 -14.90 -5.76
CA MLY G 103 22.91 -15.40 -6.96
CB MLY G 103 23.30 -16.85 -7.25
CG MLY G 103 24.80 -17.11 -7.44
CD MLY G 103 25.33 -16.64 -8.80
CE MLY G 103 26.86 -16.60 -8.80
NZ MLY G 103 27.50 -16.26 -10.09
CH1 MLY G 103 26.92 -15.00 -10.56
CH2 MLY G 103 28.88 -15.93 -9.74
C MLY G 103 21.41 -15.27 -6.84
O MLY G 103 20.84 -15.61 -5.80
N SER G 104 20.77 -14.74 -7.87
CA SER G 104 19.32 -14.62 -7.87
C SER G 104 18.72 -16.00 -7.97
N PHE G 105 17.50 -16.17 -7.49
CA PHE G 105 16.85 -17.45 -7.67
C PHE G 105 15.35 -17.30 -7.81
N GLU G 106 14.72 -18.28 -8.44
CA GLU G 106 13.29 -18.30 -8.58
C GLU G 106 12.78 -19.72 -8.43
N ILE G 107 11.89 -19.94 -7.47
CA ILE G 107 11.35 -21.28 -7.26
C ILE G 107 9.84 -21.25 -7.39
N GLU G 108 9.33 -22.11 -8.27
CA GLU G 108 7.90 -22.26 -8.48
C GLU G 108 7.55 -23.74 -8.29
N VAL G 109 6.82 -24.03 -7.24
CA VAL G 109 6.48 -25.43 -6.97
C VAL G 109 5.03 -25.56 -6.55
N THR G 110 4.49 -26.77 -6.66
CA THR G 110 3.14 -27.03 -6.18
C THR G 110 3.15 -28.10 -5.11
N CYS G 111 2.60 -27.79 -3.94
CA CYS G 111 2.65 -28.74 -2.87
C CYS G 111 1.31 -29.23 -2.35
N SER G 112 1.32 -30.49 -1.90
CA SER G 112 0.11 -31.19 -1.49
C SER G 112 -0.41 -30.70 -0.13
N THR G 113 0.50 -30.32 0.77
CA THR G 113 0.20 -29.80 2.13
C THR G 113 -1.03 -30.48 2.78
S SO4 H . -13.65 -1.33 -6.34
O1 SO4 H . -12.76 -0.26 -6.78
O2 SO4 H . -14.93 -1.21 -7.02
O3 SO4 H . -13.85 -1.27 -4.90
O4 SO4 H . -13.03 -2.63 -6.65
S SO4 I . -2.93 2.17 21.15
O1 SO4 I . -3.80 2.34 22.32
O2 SO4 I . -3.61 2.62 19.94
O3 SO4 I . -1.71 2.96 21.34
O4 SO4 I . -2.58 0.76 21.02
C1 GOL J . -5.63 -22.09 5.42
O1 GOL J . -4.30 -21.68 5.61
C2 GOL J . -6.54 -20.90 5.66
O2 GOL J . -7.75 -21.01 4.92
C3 GOL J . -6.82 -20.69 7.15
O3 GOL J . -7.59 -21.75 7.70
C1 GOL K . -11.18 5.49 -1.57
O1 GOL K . -10.28 6.56 -1.79
C2 GOL K . -12.26 5.83 -0.54
O2 GOL K . -12.84 7.10 -0.79
C3 GOL K . -13.34 4.75 -0.61
O3 GOL K . -14.61 5.24 -0.28
S SO4 L . 2.87 18.21 44.30
O1 SO4 L . 1.81 19.21 44.11
O2 SO4 L . 4.15 18.87 44.08
O3 SO4 L . 2.77 17.63 45.65
O4 SO4 L . 2.68 17.18 43.29
S SO4 M . 5.79 -2.14 23.07
O1 SO4 M . 5.31 -2.84 24.27
O2 SO4 M . 5.14 -0.84 22.96
O3 SO4 M . 7.24 -1.96 23.14
O4 SO4 M . 5.46 -2.95 21.91
S SO4 N . 5.82 21.19 21.79
O1 SO4 N . 5.37 22.32 20.97
O2 SO4 N . 5.52 21.47 23.19
O3 SO4 N . 7.26 21.01 21.60
O4 SO4 N . 5.13 19.96 21.39
S SO4 O . 24.65 1.98 38.53
O1 SO4 O . 25.26 3.09 39.26
O2 SO4 O . 24.06 2.48 37.29
O3 SO4 O . 23.61 1.36 39.36
O4 SO4 O . 25.65 0.97 38.19
S SO4 P . 23.13 12.26 24.45
O1 SO4 P . 21.96 12.93 23.87
O2 SO4 P . 23.27 12.64 25.86
O3 SO4 P . 24.30 12.67 23.70
O4 SO4 P . 22.98 10.80 24.38
C1 GOL Q . 3.96 1.98 37.05
O1 GOL Q . 5.11 2.76 36.75
C2 GOL Q . 2.80 2.37 36.14
O2 GOL Q . 3.10 2.06 34.78
C3 GOL Q . 1.51 1.66 36.54
O3 GOL Q . 1.55 0.26 36.25
S SO4 R . -13.18 15.97 -3.41
O1 SO4 R . -13.36 16.87 -2.27
O2 SO4 R . -14.47 15.78 -4.09
O3 SO4 R . -12.72 14.68 -2.93
O4 SO4 R . -12.21 16.52 -4.36
S SO4 S . 7.27 -11.37 -9.17
O1 SO4 S . 5.92 -11.71 -8.70
O2 SO4 S . 7.20 -10.20 -10.05
O3 SO4 S . 8.16 -11.09 -8.05
O4 SO4 S . 7.78 -12.53 -9.91
S SO4 T . -7.41 9.59 -11.73
O1 SO4 T . -7.61 10.16 -10.39
O2 SO4 T . -7.72 10.60 -12.73
O3 SO4 T . -6.03 9.14 -11.89
O4 SO4 T . -8.31 8.45 -11.89
CL CL U . -14.45 -0.35 -37.69
S SO4 V . -24.94 3.55 -11.12
O1 SO4 V . -24.59 3.86 -9.74
O2 SO4 V . -25.62 4.70 -11.73
O3 SO4 V . -25.86 2.41 -11.14
O4 SO4 V . -23.72 3.27 -11.87
S SO4 W . -15.85 2.40 -13.25
O1 SO4 W . -15.81 3.10 -11.96
O2 SO4 W . -16.83 3.05 -14.12
O3 SO4 W . -14.53 2.46 -13.87
O4 SO4 W . -16.22 1.01 -13.02
S SO4 X . 28.59 7.03 21.99
O1 SO4 X . 27.95 7.09 23.29
O2 SO4 X . 28.71 8.39 21.45
O3 SO4 X . 29.92 6.43 22.11
O4 SO4 X . 27.80 6.21 21.09
S SO4 Y . 29.02 -2.46 21.23
O1 SO4 Y . 27.78 -2.27 20.47
O2 SO4 Y . 29.79 -1.23 21.28
O3 SO4 Y . 29.83 -3.51 20.59
O4 SO4 Y . 28.68 -2.89 22.58
S SO4 Z . 16.80 -36.92 -7.08
O1 SO4 Z . 16.05 -37.29 -5.88
O2 SO4 Z . 16.72 -35.49 -7.34
O3 SO4 Z . 18.20 -37.31 -6.88
O4 SO4 Z . 16.22 -37.65 -8.20
S SO4 AA . 2.55 -28.37 14.81
O1 SO4 AA . 1.78 -28.11 16.03
O2 SO4 AA . 2.99 -27.11 14.23
O3 SO4 AA . 3.70 -29.20 15.16
O4 SO4 AA . 1.69 -29.07 13.85
S SO4 BA . 15.75 -10.12 5.31
O1 SO4 BA . 15.52 -9.56 3.98
O2 SO4 BA . 16.36 -9.10 6.15
O3 SO4 BA . 16.67 -11.24 5.19
O4 SO4 BA . 14.48 -10.55 5.87
#